data_7KO6
# 
_entry.id   7KO6 
# 
_audit_conform.dict_name       mmcif_pdbx.dic 
_audit_conform.dict_version    5.380 
_audit_conform.dict_location   http://mmcif.pdb.org/dictionaries/ascii/mmcif_pdbx.dic 
# 
loop_
_database_2.database_id 
_database_2.database_code 
_database_2.pdbx_database_accession 
_database_2.pdbx_DOI 
PDB   7KO6         pdb_00007ko6 10.2210/pdb7ko6/pdb 
WWPDB D_1000252795 ?            ?                   
# 
_pdbx_database_status.status_code                     REL 
_pdbx_database_status.status_code_sf                  REL 
_pdbx_database_status.status_code_mr                  ? 
_pdbx_database_status.entry_id                        7KO6 
_pdbx_database_status.recvd_initial_deposition_date   2020-11-06 
_pdbx_database_status.SG_entry                        N 
_pdbx_database_status.deposit_site                    RCSB 
_pdbx_database_status.process_site                    RCSB 
_pdbx_database_status.status_code_cs                  ? 
_pdbx_database_status.status_code_nmr_data            ? 
_pdbx_database_status.methods_development_category    ? 
_pdbx_database_status.pdb_format_compatible           Y 
# 
loop_
_audit_author.name 
_audit_author.pdbx_ordinal 
_audit_author.identifier_ORCID 
'Katti, S.S.'   1 0000-0001-6878-6474 
'Krieger, I.V.' 2 0000-0001-7144-3069 
# 
_citation.abstract                  ? 
_citation.abstract_id_CAS           ? 
_citation.book_id_ISBN              ? 
_citation.book_publisher            ? 
_citation.book_publisher_city       ? 
_citation.book_title                ? 
_citation.coordinate_linkage        ? 
_citation.country                   UK 
_citation.database_id_Medline       ? 
_citation.details                   ? 
_citation.id                        primary 
_citation.journal_abbrev            'Nat Commun' 
_citation.journal_id_ASTM           ? 
_citation.journal_id_CSD            ? 
_citation.journal_id_ISSN           2041-1723 
_citation.journal_full              ? 
_citation.journal_issue             ? 
_citation.journal_volume            13 
_citation.language                  ? 
_citation.page_first                2695 
_citation.page_last                 2695 
_citation.title                     
'Structural anatomy of Protein Kinase C C1 domain interactions with diacylglycerol and other agonists.' 
_citation.year                      2022 
_citation.database_id_CSD           ? 
_citation.pdbx_database_id_DOI      10.1038/s41467-022-30389-2 
_citation.pdbx_database_id_PubMed   35577811 
_citation.pdbx_database_id_patent   ? 
_citation.unpublished_flag          ? 
# 
loop_
_citation_author.citation_id 
_citation_author.name 
_citation_author.ordinal 
_citation_author.identifier_ORCID 
primary 'Katti, S.S.'       1 ?                   
primary 'Krieger, I.V.'     2 0000-0001-7144-3069 
primary 'Ann, J.'           3 0000-0002-5043-8014 
primary 'Lee, J.'           4 0000-0002-7832-6719 
primary 'Sacchettini, J.C.' 5 0000-0001-5767-2367 
primary 'Igumenova, T.I.'   6 0000-0003-3772-7484 
# 
_cell.angle_alpha                  90.000 
_cell.angle_alpha_esd              ? 
_cell.angle_beta                   98.390 
_cell.angle_beta_esd               ? 
_cell.angle_gamma                  90.000 
_cell.angle_gamma_esd              ? 
_cell.entry_id                     7KO6 
_cell.details                      ? 
_cell.formula_units_Z              ? 
_cell.length_a                     34.384 
_cell.length_a_esd                 ? 
_cell.length_b                     25.909 
_cell.length_b_esd                 ? 
_cell.length_c                     57.731 
_cell.length_c_esd                 ? 
_cell.volume                       ? 
_cell.volume_esd                   ? 
_cell.Z_PDB                        4 
_cell.reciprocal_angle_alpha       ? 
_cell.reciprocal_angle_beta        ? 
_cell.reciprocal_angle_gamma       ? 
_cell.reciprocal_angle_alpha_esd   ? 
_cell.reciprocal_angle_beta_esd    ? 
_cell.reciprocal_angle_gamma_esd   ? 
_cell.reciprocal_length_a          ? 
_cell.reciprocal_length_b          ? 
_cell.reciprocal_length_c          ? 
_cell.reciprocal_length_a_esd      ? 
_cell.reciprocal_length_b_esd      ? 
_cell.reciprocal_length_c_esd      ? 
_cell.pdbx_unique_axis             ? 
# 
_symmetry.entry_id                         7KO6 
_symmetry.cell_setting                     ? 
_symmetry.Int_Tables_number                5 
_symmetry.space_group_name_Hall            ? 
_symmetry.space_group_name_H-M             'C 1 2 1' 
_symmetry.pdbx_full_space_group_name_H-M   ? 
# 
loop_
_entity.id 
_entity.type 
_entity.src_method 
_entity.pdbx_description 
_entity.formula_weight 
_entity.pdbx_number_of_molecules 
_entity.pdbx_ec 
_entity.pdbx_mutation 
_entity.pdbx_fragment 
_entity.details 
1 polymer     man 'Protein kinase C delta type'                                                                                 
6097.217 1  2.7.11.13 ? 'C1B domain' ? 
2 non-polymer syn 'ZINC ION'                                                                                                    
65.409   2  ?         ? ?            ? 
3 non-polymer syn ingenol-3-angelate                                                                                            
430.534  1  ?         ? ?            ? 
4 non-polymer syn '(4S,7R)-7-(heptanoyloxy)-4-hydroxy-N,N,N-trimethyl-10-oxo-3,5,9-trioxa-4-phosphahexadecan-1-aminium 4-oxide' 
482.568  1  ?         ? ?            ? 
5 water       nat water                                                                                                         
18.015   53 ?         ? ?            ? 
# 
_entity_name_com.entity_id   1 
_entity_name_com.name        nPKC-delta 
# 
_entity_poly.entity_id                      1 
_entity_poly.type                           'polypeptide(L)' 
_entity_poly.nstd_linkage                   no 
_entity_poly.nstd_monomer                   no 
_entity_poly.pdbx_seq_one_letter_code       MPHRFKVYNYMSPTFCDHCGSLLWGLVKQGLKCEDCGMNVHHKCREKVANLCG 
_entity_poly.pdbx_seq_one_letter_code_can   MPHRFKVYNYMSPTFCDHCGSLLWGLVKQGLKCEDCGMNVHHKCREKVANLCG 
_entity_poly.pdbx_strand_id                 A 
_entity_poly.pdbx_target_identifier         ? 
# 
loop_
_entity_poly_seq.entity_id 
_entity_poly_seq.num 
_entity_poly_seq.mon_id 
_entity_poly_seq.hetero 
1 1  MET n 
1 2  PRO n 
1 3  HIS n 
1 4  ARG n 
1 5  PHE n 
1 6  LYS n 
1 7  VAL n 
1 8  TYR n 
1 9  ASN n 
1 10 TYR n 
1 11 MET n 
1 12 SER n 
1 13 PRO n 
1 14 THR n 
1 15 PHE n 
1 16 CYS n 
1 17 ASP n 
1 18 HIS n 
1 19 CYS n 
1 20 GLY n 
1 21 SER n 
1 22 LEU n 
1 23 LEU n 
1 24 TRP n 
1 25 GLY n 
1 26 LEU n 
1 27 VAL n 
1 28 LYS n 
1 29 GLN n 
1 30 GLY n 
1 31 LEU n 
1 32 LYS n 
1 33 CYS n 
1 34 GLU n 
1 35 ASP n 
1 36 CYS n 
1 37 GLY n 
1 38 MET n 
1 39 ASN n 
1 40 VAL n 
1 41 HIS n 
1 42 HIS n 
1 43 LYS n 
1 44 CYS n 
1 45 ARG n 
1 46 GLU n 
1 47 LYS n 
1 48 VAL n 
1 49 ALA n 
1 50 ASN n 
1 51 LEU n 
1 52 CYS n 
1 53 GLY n 
# 
_entity_src_gen.entity_id                          1 
_entity_src_gen.pdbx_src_id                        1 
_entity_src_gen.pdbx_alt_source_flag               sample 
_entity_src_gen.pdbx_seq_type                      'Biological sequence' 
_entity_src_gen.pdbx_beg_seq_num                   1 
_entity_src_gen.pdbx_end_seq_num                   53 
_entity_src_gen.gene_src_common_name               Rat 
_entity_src_gen.gene_src_genus                     ? 
_entity_src_gen.pdbx_gene_src_gene                 'Prkcd, rCG_42255' 
_entity_src_gen.gene_src_species                   ? 
_entity_src_gen.gene_src_strain                    ? 
_entity_src_gen.gene_src_tissue                    ? 
_entity_src_gen.gene_src_tissue_fraction           ? 
_entity_src_gen.gene_src_details                   ? 
_entity_src_gen.pdbx_gene_src_fragment             ? 
_entity_src_gen.pdbx_gene_src_scientific_name      'Rattus norvegicus' 
_entity_src_gen.pdbx_gene_src_ncbi_taxonomy_id     10116 
_entity_src_gen.pdbx_gene_src_variant              ? 
_entity_src_gen.pdbx_gene_src_cell_line            ? 
_entity_src_gen.pdbx_gene_src_atcc                 ? 
_entity_src_gen.pdbx_gene_src_organ                ? 
_entity_src_gen.pdbx_gene_src_organelle            ? 
_entity_src_gen.pdbx_gene_src_cell                 ? 
_entity_src_gen.pdbx_gene_src_cellular_location    ? 
_entity_src_gen.host_org_common_name               ? 
_entity_src_gen.pdbx_host_org_scientific_name      'Escherichia coli BL21(DE3)' 
_entity_src_gen.pdbx_host_org_ncbi_taxonomy_id     469008 
_entity_src_gen.host_org_genus                     ? 
_entity_src_gen.pdbx_host_org_gene                 ? 
_entity_src_gen.pdbx_host_org_organ                ? 
_entity_src_gen.host_org_species                   ? 
_entity_src_gen.pdbx_host_org_tissue               ? 
_entity_src_gen.pdbx_host_org_tissue_fraction      ? 
_entity_src_gen.pdbx_host_org_strain               ? 
_entity_src_gen.pdbx_host_org_variant              ? 
_entity_src_gen.pdbx_host_org_cell_line            ? 
_entity_src_gen.pdbx_host_org_atcc                 ? 
_entity_src_gen.pdbx_host_org_culture_collection   ? 
_entity_src_gen.pdbx_host_org_cell                 ? 
_entity_src_gen.pdbx_host_org_organelle            ? 
_entity_src_gen.pdbx_host_org_cellular_location    ? 
_entity_src_gen.pdbx_host_org_vector_type          ? 
_entity_src_gen.pdbx_host_org_vector               ? 
_entity_src_gen.host_org_details                   ? 
_entity_src_gen.expression_system_id               ? 
_entity_src_gen.plasmid_name                       ? 
_entity_src_gen.plasmid_details                    ? 
_entity_src_gen.pdbx_description                   ? 
# 
_struct_ref.id                         1 
_struct_ref.db_name                    UNP 
_struct_ref.db_code                    A0A140UHX0_RAT 
_struct_ref.pdbx_db_accession          A0A140UHX0 
_struct_ref.pdbx_db_isoform            ? 
_struct_ref.entity_id                  1 
_struct_ref.pdbx_seq_one_letter_code   MPHRFKVYNYMSPTFCDHCGSLLWGLVKQGLKCEDCGMNVHHKCREKVANLCG 
_struct_ref.pdbx_align_begin           229 
# 
_struct_ref_seq.align_id                      1 
_struct_ref_seq.ref_id                        1 
_struct_ref_seq.pdbx_PDB_id_code              7KO6 
_struct_ref_seq.pdbx_strand_id                A 
_struct_ref_seq.seq_align_beg                 1 
_struct_ref_seq.pdbx_seq_align_beg_ins_code   ? 
_struct_ref_seq.seq_align_end                 53 
_struct_ref_seq.pdbx_seq_align_end_ins_code   ? 
_struct_ref_seq.pdbx_db_accession             A0A140UHX0 
_struct_ref_seq.db_align_beg                  229 
_struct_ref_seq.pdbx_db_align_beg_ins_code    ? 
_struct_ref_seq.db_align_end                  281 
_struct_ref_seq.pdbx_db_align_end_ins_code    ? 
_struct_ref_seq.pdbx_auth_seq_align_beg       229 
_struct_ref_seq.pdbx_auth_seq_align_end       281 
# 
loop_
_chem_comp.id 
_chem_comp.type 
_chem_comp.mon_nstd_flag 
_chem_comp.name 
_chem_comp.pdbx_synonyms 
_chem_comp.formula 
_chem_comp.formula_weight 
ALA 'L-peptide linking' y ALANINE ? 'C3 H7 N O2'       89.093  
ARG 'L-peptide linking' y ARGININE ? 'C6 H15 N4 O2 1'   175.209 
ASN 'L-peptide linking' y ASPARAGINE ? 'C4 H8 N2 O3'      132.118 
ASP 'L-peptide linking' y 'ASPARTIC ACID' ? 'C4 H7 N O4'       133.103 
CYS 'L-peptide linking' y CYSTEINE ? 'C3 H7 N O2 S'     121.158 
GLN 'L-peptide linking' y GLUTAMINE ? 'C5 H10 N2 O3'     146.144 
GLU 'L-peptide linking' y 'GLUTAMIC ACID' ? 'C5 H9 N O4'       147.129 
GLY 'peptide linking'   y GLYCINE ? 'C2 H5 N O2'       75.067  
HIS 'L-peptide linking' y HISTIDINE ? 'C6 H10 N3 O2 1'   156.162 
HOH non-polymer         . WATER ? 'H2 O'             18.015  
LEU 'L-peptide linking' y LEUCINE ? 'C6 H13 N O2'      131.173 
LYS 'L-peptide linking' y LYSINE ? 'C6 H15 N2 O2 1'   147.195 
MET 'L-peptide linking' y METHIONINE ? 'C5 H11 N O2 S'    149.211 
PHE 'L-peptide linking' y PHENYLALANINE ? 'C9 H11 N O2'      165.189 
PRO 'L-peptide linking' y PROLINE ? 'C5 H9 N O2'       115.130 
SER 'L-peptide linking' y SERINE ? 'C3 H7 N O3'       105.093 
THR 'L-peptide linking' y THREONINE ? 'C4 H9 N O3'       119.119 
TRP 'L-peptide linking' y TRYPTOPHAN ? 'C11 H12 N2 O2'    204.225 
TYR 'L-peptide linking' y TYROSINE ? 'C9 H11 N O3'      181.189 
VAL 'L-peptide linking' y VALINE ? 'C5 H11 N O2'      117.146 
WUD non-polymer         . ingenol-3-angelate 
;ingenol mebutate; (1aR,2S,5R,5aS,6S,8aS,9R,10aR)-5,5a-dihydroxy-4-(hydroxymethyl)-1,1,7,9-tetramethyl-11-oxo-1a,2,5,5a,6,9,10,10a-octahydro-1H-2,8a-methanocyclopenta[a]cyclopropa[e][10]annulen-6-yl (2Z)-2-methylbut-2-enoate
;
'C25 H34 O6'       430.534 
XP5 non-polymer         . 
'(4S,7R)-7-(heptanoyloxy)-4-hydroxy-N,N,N-trimethyl-10-oxo-3,5,9-trioxa-4-phosphahexadecan-1-aminium 4-oxide' ? 'C22 H45 N O8 P 1' 
482.568 
ZN  non-polymer         . 'ZINC ION' ? 'Zn 2'             65.409  
# 
_exptl.absorpt_coefficient_mu     ? 
_exptl.absorpt_correction_T_max   ? 
_exptl.absorpt_correction_T_min   ? 
_exptl.absorpt_correction_type    ? 
_exptl.absorpt_process_details    ? 
_exptl.entry_id                   7KO6 
_exptl.crystals_number            1 
_exptl.details                    ? 
_exptl.method                     'X-RAY DIFFRACTION' 
_exptl.method_details             ? 
# 
_exptl_crystal.colour                      ? 
_exptl_crystal.density_diffrn              ? 
_exptl_crystal.density_Matthews            2.09 
_exptl_crystal.density_method              ? 
_exptl_crystal.density_percent_sol         41.04 
_exptl_crystal.description                 ? 
_exptl_crystal.F_000                       ? 
_exptl_crystal.id                          1 
_exptl_crystal.preparation                 ? 
_exptl_crystal.size_max                    ? 
_exptl_crystal.size_mid                    ? 
_exptl_crystal.size_min                    ? 
_exptl_crystal.size_rad                    ? 
_exptl_crystal.colour_lustre               ? 
_exptl_crystal.colour_modifier             ? 
_exptl_crystal.colour_primary              ? 
_exptl_crystal.density_meas                ? 
_exptl_crystal.density_meas_esd            ? 
_exptl_crystal.density_meas_gt             ? 
_exptl_crystal.density_meas_lt             ? 
_exptl_crystal.density_meas_temp           ? 
_exptl_crystal.density_meas_temp_esd       ? 
_exptl_crystal.density_meas_temp_gt        ? 
_exptl_crystal.density_meas_temp_lt        ? 
_exptl_crystal.pdbx_crystal_image_url      ? 
_exptl_crystal.pdbx_crystal_image_format   ? 
_exptl_crystal.pdbx_mosaicity              ? 
_exptl_crystal.pdbx_mosaicity_esd          ? 
# 
_exptl_crystal_grow.apparatus       ? 
_exptl_crystal_grow.atmosphere      ? 
_exptl_crystal_grow.crystal_id      1 
_exptl_crystal_grow.details         ? 
_exptl_crystal_grow.method          'VAPOR DIFFUSION, HANGING DROP' 
_exptl_crystal_grow.method_ref      ? 
_exptl_crystal_grow.pH              6.5 
_exptl_crystal_grow.pressure        ? 
_exptl_crystal_grow.pressure_esd    ? 
_exptl_crystal_grow.seeding         ? 
_exptl_crystal_grow.seeding_ref     ? 
_exptl_crystal_grow.temp            277.15 
_exptl_crystal_grow.temp_details    ? 
_exptl_crystal_grow.temp_esd        ? 
_exptl_crystal_grow.time            ? 
_exptl_crystal_grow.pdbx_details    
;Screen condition: 
0.2 M Ammonium acetate,
0.1 M Sodium phosphate,
30% Isopropanol,
pH 6.8,

Drop condition:
Protein: 2 mM in MES pH 6.5, 150 mM KCl,
Phosphatidylcholine: 20 mM,
Ingenol-3-angelate: 2.5 mM
;
_exptl_crystal_grow.pdbx_pH_range   ? 
# 
_diffrn.ambient_environment              ? 
_diffrn.ambient_temp                     120 
_diffrn.ambient_temp_details             ? 
_diffrn.ambient_temp_esd                 ? 
_diffrn.crystal_id                       1 
_diffrn.crystal_support                  ? 
_diffrn.crystal_treatment                ? 
_diffrn.details                          ? 
_diffrn.id                               1 
_diffrn.ambient_pressure                 ? 
_diffrn.ambient_pressure_esd             ? 
_diffrn.ambient_pressure_gt              ? 
_diffrn.ambient_pressure_lt              ? 
_diffrn.ambient_temp_gt                  ? 
_diffrn.ambient_temp_lt                  ? 
_diffrn.pdbx_serial_crystal_experiment   N 
# 
_diffrn_detector.details                      ? 
_diffrn_detector.detector                     PIXEL 
_diffrn_detector.diffrn_id                    1 
_diffrn_detector.type                         'Bruker PHOTON II' 
_diffrn_detector.area_resol_mean              ? 
_diffrn_detector.dtime                        ? 
_diffrn_detector.pdbx_frames_total            ? 
_diffrn_detector.pdbx_collection_time_total   ? 
_diffrn_detector.pdbx_collection_date         2020-09-22 
_diffrn_detector.pdbx_frequency               ? 
# 
_diffrn_radiation.collimation                      ? 
_diffrn_radiation.diffrn_id                        1 
_diffrn_radiation.filter_edge                      ? 
_diffrn_radiation.inhomogeneity                    ? 
_diffrn_radiation.monochromator                    ? 
_diffrn_radiation.polarisn_norm                    ? 
_diffrn_radiation.polarisn_ratio                   ? 
_diffrn_radiation.probe                            ? 
_diffrn_radiation.type                             ? 
_diffrn_radiation.xray_symbol                      ? 
_diffrn_radiation.wavelength_id                    1 
_diffrn_radiation.pdbx_monochromatic_or_laue_m_l   M 
_diffrn_radiation.pdbx_wavelength_list             ? 
_diffrn_radiation.pdbx_wavelength                  ? 
_diffrn_radiation.pdbx_diffrn_protocol             'SINGLE WAVELENGTH' 
_diffrn_radiation.pdbx_analyzer                    ? 
_diffrn_radiation.pdbx_scattering_type             x-ray 
# 
_diffrn_radiation_wavelength.id           1 
_diffrn_radiation_wavelength.wavelength   1.54 
_diffrn_radiation_wavelength.wt           1.0 
# 
_diffrn_source.current                     ? 
_diffrn_source.details                     ? 
_diffrn_source.diffrn_id                   1 
_diffrn_source.power                       ? 
_diffrn_source.size                        ? 
_diffrn_source.source                      'ROTATING ANODE' 
_diffrn_source.target                      ? 
_diffrn_source.type                        'RIGAKU MICROMAX-007 HF' 
_diffrn_source.voltage                     ? 
_diffrn_source.take-off_angle              ? 
_diffrn_source.pdbx_wavelength_list        1.54 
_diffrn_source.pdbx_wavelength             ? 
_diffrn_source.pdbx_synchrotron_beamline   ? 
_diffrn_source.pdbx_synchrotron_site       ? 
# 
_reflns.B_iso_Wilson_estimate            ? 
_reflns.entry_id                         7KO6 
_reflns.data_reduction_details           ? 
_reflns.data_reduction_method            ? 
_reflns.d_resolution_high                1.80 
_reflns.d_resolution_low                 57 
_reflns.details                          ? 
_reflns.limit_h_max                      ? 
_reflns.limit_h_min                      ? 
_reflns.limit_k_max                      ? 
_reflns.limit_k_min                      ? 
_reflns.limit_l_max                      ? 
_reflns.limit_l_min                      ? 
_reflns.number_all                       ? 
_reflns.number_obs                       4819 
_reflns.observed_criterion               ? 
_reflns.observed_criterion_F_max         ? 
_reflns.observed_criterion_F_min         ? 
_reflns.observed_criterion_I_max         ? 
_reflns.observed_criterion_I_min         ? 
_reflns.observed_criterion_sigma_F       ? 
_reflns.observed_criterion_sigma_I       ? 
_reflns.percent_possible_obs             100.0 
_reflns.R_free_details                   ? 
_reflns.Rmerge_F_all                     ? 
_reflns.Rmerge_F_obs                     ? 
_reflns.Friedel_coverage                 ? 
_reflns.number_gt                        ? 
_reflns.threshold_expression             ? 
_reflns.pdbx_redundancy                  12.54 
_reflns.pdbx_Rmerge_I_obs                0.1144 
_reflns.pdbx_Rmerge_I_all                ? 
_reflns.pdbx_Rsym_value                  ? 
_reflns.pdbx_netI_over_av_sigmaI         ? 
_reflns.pdbx_netI_over_sigmaI            15.76 
_reflns.pdbx_res_netI_over_av_sigmaI_2   ? 
_reflns.pdbx_res_netI_over_sigmaI_2      ? 
_reflns.pdbx_chi_squared                 ? 
_reflns.pdbx_scaling_rejects             ? 
_reflns.pdbx_d_res_high_opt              ? 
_reflns.pdbx_d_res_low_opt               ? 
_reflns.pdbx_d_res_opt_method            ? 
_reflns.phase_calculation_details        ? 
_reflns.pdbx_Rrim_I_all                  ? 
_reflns.pdbx_Rpim_I_all                  ? 
_reflns.pdbx_d_opt                       ? 
_reflns.pdbx_number_measured_all         ? 
_reflns.pdbx_diffrn_id                   1 
_reflns.pdbx_ordinal                     1 
_reflns.pdbx_CC_half                     ? 
_reflns.pdbx_CC_star                     ? 
_reflns.pdbx_R_split                     ? 
# 
_reflns_shell.d_res_high                  1.8 
_reflns_shell.d_res_low                   1.9 
_reflns_shell.meanI_over_sigI_all         ? 
_reflns_shell.meanI_over_sigI_obs         3.79 
_reflns_shell.number_measured_all         ? 
_reflns_shell.number_measured_obs         ? 
_reflns_shell.number_possible             ? 
_reflns_shell.number_unique_all           ? 
_reflns_shell.number_unique_obs           704 
_reflns_shell.percent_possible_all        100.0 
_reflns_shell.percent_possible_obs        ? 
_reflns_shell.Rmerge_F_all                ? 
_reflns_shell.Rmerge_F_obs                ? 
_reflns_shell.Rmerge_I_all                ? 
_reflns_shell.Rmerge_I_obs                0.4800 
_reflns_shell.meanI_over_sigI_gt          ? 
_reflns_shell.meanI_over_uI_all           ? 
_reflns_shell.meanI_over_uI_gt            ? 
_reflns_shell.number_measured_gt          ? 
_reflns_shell.number_unique_gt            ? 
_reflns_shell.percent_possible_gt         ? 
_reflns_shell.Rmerge_F_gt                 ? 
_reflns_shell.Rmerge_I_gt                 ? 
_reflns_shell.pdbx_redundancy             ? 
_reflns_shell.pdbx_Rsym_value             ? 
_reflns_shell.pdbx_chi_squared            ? 
_reflns_shell.pdbx_netI_over_sigmaI_all   ? 
_reflns_shell.pdbx_netI_over_sigmaI_obs   ? 
_reflns_shell.pdbx_Rrim_I_all             ? 
_reflns_shell.pdbx_Rpim_I_all             ? 
_reflns_shell.pdbx_rejects                ? 
_reflns_shell.pdbx_ordinal                1 
_reflns_shell.pdbx_diffrn_id              1 
_reflns_shell.pdbx_CC_half                ? 
_reflns_shell.pdbx_CC_star                ? 
_reflns_shell.pdbx_R_split                ? 
# 
_refine.aniso_B[1][1]                            ? 
_refine.aniso_B[1][2]                            ? 
_refine.aniso_B[1][3]                            ? 
_refine.aniso_B[2][2]                            ? 
_refine.aniso_B[2][3]                            ? 
_refine.aniso_B[3][3]                            ? 
_refine.B_iso_max                                65.000 
_refine.B_iso_mean                               18.5386 
_refine.B_iso_min                                6.010 
_refine.correlation_coeff_Fo_to_Fc               ? 
_refine.correlation_coeff_Fo_to_Fc_free          ? 
_refine.details                                  ? 
_refine.diff_density_max                         ? 
_refine.diff_density_max_esd                     ? 
_refine.diff_density_min                         ? 
_refine.diff_density_min_esd                     ? 
_refine.diff_density_rms                         ? 
_refine.diff_density_rms_esd                     ? 
_refine.entry_id                                 7KO6 
_refine.pdbx_refine_id                           'X-RAY DIFFRACTION' 
_refine.ls_abs_structure_details                 ? 
_refine.ls_abs_structure_Flack                   ? 
_refine.ls_abs_structure_Flack_esd               ? 
_refine.ls_abs_structure_Rogers                  ? 
_refine.ls_abs_structure_Rogers_esd              ? 
_refine.ls_d_res_high                            1.8000 
_refine.ls_d_res_low                             28.5600 
_refine.ls_extinction_coef                       ? 
_refine.ls_extinction_coef_esd                   ? 
_refine.ls_extinction_expression                 ? 
_refine.ls_extinction_method                     ? 
_refine.ls_goodness_of_fit_all                   ? 
_refine.ls_goodness_of_fit_all_esd               ? 
_refine.ls_goodness_of_fit_obs                   ? 
_refine.ls_goodness_of_fit_obs_esd               ? 
_refine.ls_hydrogen_treatment                    ? 
_refine.ls_matrix_type                           ? 
_refine.ls_number_constraints                    ? 
_refine.ls_number_parameters                     ? 
_refine.ls_number_reflns_all                     ? 
_refine.ls_number_reflns_obs                     4815 
_refine.ls_number_reflns_R_free                  258 
_refine.ls_number_reflns_R_work                  4557 
_refine.ls_number_restraints                     ? 
_refine.ls_percent_reflns_obs                    99.8100 
_refine.ls_percent_reflns_R_free                 5.3600 
_refine.ls_R_factor_all                          ? 
_refine.ls_R_factor_obs                          0.1779 
_refine.ls_R_factor_R_free                       0.2154 
_refine.ls_R_factor_R_free_error                 ? 
_refine.ls_R_factor_R_free_error_details         ? 
_refine.ls_R_factor_R_work                       0.1757 
_refine.ls_R_Fsqd_factor_obs                     ? 
_refine.ls_R_I_factor_obs                        ? 
_refine.ls_redundancy_reflns_all                 ? 
_refine.ls_redundancy_reflns_obs                 ? 
_refine.ls_restrained_S_all                      ? 
_refine.ls_restrained_S_obs                      ? 
_refine.ls_shift_over_esd_max                    ? 
_refine.ls_shift_over_esd_mean                   ? 
_refine.ls_structure_factor_coef                 ? 
_refine.ls_weighting_details                     ? 
_refine.ls_weighting_scheme                      ? 
_refine.ls_wR_factor_all                         ? 
_refine.ls_wR_factor_obs                         ? 
_refine.ls_wR_factor_R_free                      ? 
_refine.ls_wR_factor_R_work                      ? 
_refine.occupancy_max                            ? 
_refine.occupancy_min                            ? 
_refine.solvent_model_details                    'FLAT BULK SOLVENT MODEL' 
_refine.solvent_model_param_bsol                 ? 
_refine.solvent_model_param_ksol                 ? 
_refine.pdbx_R_complete                          ? 
_refine.ls_R_factor_gt                           ? 
_refine.ls_goodness_of_fit_gt                    ? 
_refine.ls_goodness_of_fit_ref                   ? 
_refine.ls_shift_over_su_max                     ? 
_refine.ls_shift_over_su_max_lt                  ? 
_refine.ls_shift_over_su_mean                    ? 
_refine.ls_shift_over_su_mean_lt                 ? 
_refine.pdbx_ls_sigma_I                          ? 
_refine.pdbx_ls_sigma_F                          1.350 
_refine.pdbx_ls_sigma_Fsqd                       ? 
_refine.pdbx_data_cutoff_high_absF               ? 
_refine.pdbx_data_cutoff_high_rms_absF           ? 
_refine.pdbx_data_cutoff_low_absF                ? 
_refine.pdbx_isotropic_thermal_model             ? 
_refine.pdbx_ls_cross_valid_method               THROUGHOUT 
_refine.pdbx_method_to_determine_struct          'MOLECULAR REPLACEMENT' 
_refine.pdbx_starting_model                      1ptq 
_refine.pdbx_stereochemistry_target_values       ML 
_refine.pdbx_R_Free_selection_details            ? 
_refine.pdbx_stereochem_target_val_spec_case     ? 
_refine.pdbx_overall_ESU_R                       ? 
_refine.pdbx_overall_ESU_R_Free                  ? 
_refine.pdbx_solvent_vdw_probe_radii             1.1100 
_refine.pdbx_solvent_ion_probe_radii             ? 
_refine.pdbx_solvent_shrinkage_radii             0.9000 
_refine.pdbx_real_space_R                        ? 
_refine.pdbx_density_correlation                 ? 
_refine.pdbx_pd_number_of_powder_patterns        ? 
_refine.pdbx_pd_number_of_points                 ? 
_refine.pdbx_pd_meas_number_of_points            ? 
_refine.pdbx_pd_proc_ls_prof_R_factor            ? 
_refine.pdbx_pd_proc_ls_prof_wR_factor           ? 
_refine.pdbx_pd_Marquardt_correlation_coeff      ? 
_refine.pdbx_pd_Fsqrd_R_factor                   ? 
_refine.pdbx_pd_ls_matrix_band_width             ? 
_refine.pdbx_overall_phase_error                 14.6700 
_refine.pdbx_overall_SU_R_free_Cruickshank_DPI   ? 
_refine.pdbx_overall_SU_R_free_Blow_DPI          ? 
_refine.pdbx_overall_SU_R_Blow_DPI               ? 
_refine.pdbx_TLS_residual_ADP_flag               ? 
_refine.pdbx_diffrn_id                           1 
_refine.overall_SU_B                             ? 
_refine.overall_SU_ML                            0.2500 
_refine.overall_SU_R_Cruickshank_DPI             ? 
_refine.overall_SU_R_free                        ? 
_refine.overall_FOM_free_R_set                   ? 
_refine.overall_FOM_work_R_set                   ? 
_refine.pdbx_average_fsc_overall                 ? 
_refine.pdbx_average_fsc_work                    ? 
_refine.pdbx_average_fsc_free                    ? 
# 
_refine_hist.pdbx_refine_id                   'X-RAY DIFFRACTION' 
_refine_hist.cycle_id                         final 
_refine_hist.details                          ? 
_refine_hist.d_res_high                       1.8000 
_refine_hist.d_res_low                        28.5600 
_refine_hist.number_atoms_solvent             53 
_refine_hist.number_atoms_total               535 
_refine_hist.number_reflns_all                ? 
_refine_hist.number_reflns_obs                ? 
_refine_hist.number_reflns_R_free             ? 
_refine_hist.number_reflns_R_work             ? 
_refine_hist.R_factor_all                     ? 
_refine_hist.R_factor_obs                     ? 
_refine_hist.R_factor_R_free                  ? 
_refine_hist.R_factor_R_work                  ? 
_refine_hist.pdbx_number_residues_total       52 
_refine_hist.pdbx_B_iso_mean_ligand           29.15 
_refine_hist.pdbx_B_iso_mean_solvent          24.93 
_refine_hist.pdbx_number_atoms_protein        417 
_refine_hist.pdbx_number_atoms_nucleic_acid   0 
_refine_hist.pdbx_number_atoms_ligand         65 
_refine_hist.pdbx_number_atoms_lipid          ? 
_refine_hist.pdbx_number_atoms_carb           ? 
_refine_hist.pdbx_pseudo_atom_details         ? 
# 
loop_
_refine_ls_restr.pdbx_refine_id 
_refine_ls_restr.criterion 
_refine_ls_restr.dev_ideal 
_refine_ls_restr.dev_ideal_target 
_refine_ls_restr.number 
_refine_ls_restr.rejects 
_refine_ls_restr.type 
_refine_ls_restr.weight 
_refine_ls_restr.pdbx_restraint_function 
'X-RAY DIFFRACTION' ? 0.011  ? 500 ? f_bond_d           ? ? 
'X-RAY DIFFRACTION' ? 2.187  ? 680 ? f_angle_d          ? ? 
'X-RAY DIFFRACTION' ? 41.937 ? 96  ? f_dihedral_angle_d ? ? 
'X-RAY DIFFRACTION' ? 0.095  ? 69  ? f_chiral_restr     ? ? 
'X-RAY DIFFRACTION' ? 0.008  ? 81  ? f_plane_restr      ? ? 
# 
loop_
_refine_ls_shell.pdbx_refine_id 
_refine_ls_shell.d_res_high 
_refine_ls_shell.d_res_low 
_refine_ls_shell.number_reflns_all 
_refine_ls_shell.number_reflns_obs 
_refine_ls_shell.number_reflns_R_free 
_refine_ls_shell.number_reflns_R_work 
_refine_ls_shell.percent_reflns_obs 
_refine_ls_shell.percent_reflns_R_free 
_refine_ls_shell.R_factor_all 
_refine_ls_shell.R_factor_obs 
_refine_ls_shell.R_factor_R_free 
_refine_ls_shell.R_factor_R_free_error 
_refine_ls_shell.R_factor_R_work 
_refine_ls_shell.redundancy_reflns_all 
_refine_ls_shell.redundancy_reflns_obs 
_refine_ls_shell.wR_factor_all 
_refine_ls_shell.wR_factor_obs 
_refine_ls_shell.wR_factor_R_free 
_refine_ls_shell.wR_factor_R_work 
_refine_ls_shell.pdbx_R_complete 
_refine_ls_shell.pdbx_total_number_of_bins_used 
_refine_ls_shell.pdbx_phase_error 
_refine_ls_shell.pdbx_fsc_work 
_refine_ls_shell.pdbx_fsc_free 
'X-RAY DIFFRACTION' 1.8000 2.2600  2359 . 112 2247 100.0000 . . . 0.2906 0.0000 0.1963 . . . . . . . 2 . . . 
'X-RAY DIFFRACTION' 2.2700 28.5600 2456 . 146 2310 100.0000 . . . 0.1916 0.0000 0.1662 . . . . . . . 2 . . . 
# 
_struct.entry_id                     7KO6 
_struct.title                        'C1B domain of Protein kinase C in complex with ingenol-3-angelate and phosphocholine' 
_struct.pdbx_model_details           ? 
_struct.pdbx_formula_weight          ? 
_struct.pdbx_formula_weight_method   ? 
_struct.pdbx_model_type_details      ? 
_struct.pdbx_CASP_flag               N 
# 
_struct_keywords.entry_id        7KO6 
_struct_keywords.text            'C1, lipid-binding, diacylglycerol-binding, Zn2+ finger, LIPID BINDING PROTEIN' 
_struct_keywords.pdbx_keywords   'LIPID BINDING PROTEIN' 
# 
loop_
_struct_asym.id 
_struct_asym.pdbx_blank_PDB_chainid_flag 
_struct_asym.pdbx_modified 
_struct_asym.entity_id 
_struct_asym.details 
A N N 1 ? 
B N N 2 ? 
C N N 2 ? 
D N N 3 ? 
E N N 4 ? 
F N N 5 ? 
# 
loop_
_struct_conn.id 
_struct_conn.conn_type_id 
_struct_conn.pdbx_leaving_atom_flag 
_struct_conn.pdbx_PDB_id 
_struct_conn.ptnr1_label_asym_id 
_struct_conn.ptnr1_label_comp_id 
_struct_conn.ptnr1_label_seq_id 
_struct_conn.ptnr1_label_atom_id 
_struct_conn.pdbx_ptnr1_label_alt_id 
_struct_conn.pdbx_ptnr1_PDB_ins_code 
_struct_conn.pdbx_ptnr1_standard_comp_id 
_struct_conn.ptnr1_symmetry 
_struct_conn.ptnr2_label_asym_id 
_struct_conn.ptnr2_label_comp_id 
_struct_conn.ptnr2_label_seq_id 
_struct_conn.ptnr2_label_atom_id 
_struct_conn.pdbx_ptnr2_label_alt_id 
_struct_conn.pdbx_ptnr2_PDB_ins_code 
_struct_conn.ptnr1_auth_asym_id 
_struct_conn.ptnr1_auth_comp_id 
_struct_conn.ptnr1_auth_seq_id 
_struct_conn.ptnr2_auth_asym_id 
_struct_conn.ptnr2_auth_comp_id 
_struct_conn.ptnr2_auth_seq_id 
_struct_conn.ptnr2_symmetry 
_struct_conn.pdbx_ptnr3_label_atom_id 
_struct_conn.pdbx_ptnr3_label_seq_id 
_struct_conn.pdbx_ptnr3_label_comp_id 
_struct_conn.pdbx_ptnr3_label_asym_id 
_struct_conn.pdbx_ptnr3_label_alt_id 
_struct_conn.pdbx_ptnr3_PDB_ins_code 
_struct_conn.details 
_struct_conn.pdbx_dist_value 
_struct_conn.pdbx_value_order 
_struct_conn.pdbx_role 
metalc1 metalc ? ? A HIS 3  ND1 ? ? ? 1_555 B ZN . ZN ? ? A HIS 231 A ZN 301 1_555 ? ? ? ? ? ? ? 2.085 ? ? 
metalc2 metalc ? ? A CYS 16 SG  ? ? ? 1_555 C ZN . ZN ? ? A CYS 244 A ZN 302 1_555 ? ? ? ? ? ? ? 2.339 ? ? 
metalc3 metalc ? ? A CYS 19 SG  ? ? ? 1_555 C ZN . ZN ? ? A CYS 247 A ZN 302 1_555 ? ? ? ? ? ? ? 2.310 ? ? 
metalc4 metalc ? ? A CYS 33 SG  ? ? ? 1_555 B ZN . ZN ? ? A CYS 261 A ZN 301 1_555 ? ? ? ? ? ? ? 2.328 ? ? 
metalc5 metalc ? ? A CYS 36 SG  ? ? ? 1_555 B ZN . ZN ? ? A CYS 264 A ZN 301 1_555 ? ? ? ? ? ? ? 2.316 ? ? 
metalc6 metalc ? ? A HIS 41 ND1 ? ? ? 1_555 C ZN . ZN ? ? A HIS 269 A ZN 302 1_555 ? ? ? ? ? ? ? 2.135 ? ? 
metalc7 metalc ? ? A CYS 44 SG  ? ? ? 1_555 C ZN . ZN ? ? A CYS 272 A ZN 302 1_555 ? ? ? ? ? ? ? 2.311 ? ? 
metalc8 metalc ? ? A CYS 52 SG  ? ? ? 1_555 B ZN . ZN ? ? A CYS 280 A ZN 301 1_555 ? ? ? ? ? ? ? 2.290 ? ? 
# 
_struct_conn_type.id          metalc 
_struct_conn_type.criteria    ? 
_struct_conn_type.reference   ? 
# 
_struct_sheet.id               AA1 
_struct_sheet.type             ? 
_struct_sheet.number_strands   3 
_struct_sheet.details          ? 
# 
loop_
_struct_sheet_order.sheet_id 
_struct_sheet_order.range_id_1 
_struct_sheet_order.range_id_2 
_struct_sheet_order.offset 
_struct_sheet_order.sense 
AA1 1 2 ? anti-parallel 
AA1 2 3 ? anti-parallel 
# 
loop_
_struct_sheet_range.sheet_id 
_struct_sheet_range.id 
_struct_sheet_range.beg_label_comp_id 
_struct_sheet_range.beg_label_asym_id 
_struct_sheet_range.beg_label_seq_id 
_struct_sheet_range.pdbx_beg_PDB_ins_code 
_struct_sheet_range.end_label_comp_id 
_struct_sheet_range.end_label_asym_id 
_struct_sheet_range.end_label_seq_id 
_struct_sheet_range.pdbx_end_PDB_ins_code 
_struct_sheet_range.beg_auth_comp_id 
_struct_sheet_range.beg_auth_asym_id 
_struct_sheet_range.beg_auth_seq_id 
_struct_sheet_range.end_auth_comp_id 
_struct_sheet_range.end_auth_asym_id 
_struct_sheet_range.end_auth_seq_id 
AA1 1 PHE A 5  ? TYR A 8  ? PHE A 233 TYR A 236 
AA1 2 GLY A 30 ? CYS A 33 ? GLY A 258 CYS A 261 
AA1 3 ASN A 39 ? VAL A 40 ? ASN A 267 VAL A 268 
# 
loop_
_pdbx_struct_sheet_hbond.sheet_id 
_pdbx_struct_sheet_hbond.range_id_1 
_pdbx_struct_sheet_hbond.range_id_2 
_pdbx_struct_sheet_hbond.range_1_label_atom_id 
_pdbx_struct_sheet_hbond.range_1_label_comp_id 
_pdbx_struct_sheet_hbond.range_1_label_asym_id 
_pdbx_struct_sheet_hbond.range_1_label_seq_id 
_pdbx_struct_sheet_hbond.range_1_PDB_ins_code 
_pdbx_struct_sheet_hbond.range_1_auth_atom_id 
_pdbx_struct_sheet_hbond.range_1_auth_comp_id 
_pdbx_struct_sheet_hbond.range_1_auth_asym_id 
_pdbx_struct_sheet_hbond.range_1_auth_seq_id 
_pdbx_struct_sheet_hbond.range_2_label_atom_id 
_pdbx_struct_sheet_hbond.range_2_label_comp_id 
_pdbx_struct_sheet_hbond.range_2_label_asym_id 
_pdbx_struct_sheet_hbond.range_2_label_seq_id 
_pdbx_struct_sheet_hbond.range_2_PDB_ins_code 
_pdbx_struct_sheet_hbond.range_2_auth_atom_id 
_pdbx_struct_sheet_hbond.range_2_auth_comp_id 
_pdbx_struct_sheet_hbond.range_2_auth_asym_id 
_pdbx_struct_sheet_hbond.range_2_auth_seq_id 
AA1 1 2 N TYR A 8  ? N TYR A 236 O GLY A 30 ? O GLY A 258 
AA1 2 3 N LEU A 31 ? N LEU A 259 O VAL A 40 ? O VAL A 268 
# 
_atom_sites.entry_id                    7KO6 
_atom_sites.Cartn_transf_matrix[1][1]   ? 
_atom_sites.Cartn_transf_matrix[1][2]   ? 
_atom_sites.Cartn_transf_matrix[1][3]   ? 
_atom_sites.Cartn_transf_matrix[2][1]   ? 
_atom_sites.Cartn_transf_matrix[2][2]   ? 
_atom_sites.Cartn_transf_matrix[2][3]   ? 
_atom_sites.Cartn_transf_matrix[3][1]   ? 
_atom_sites.Cartn_transf_matrix[3][2]   ? 
_atom_sites.Cartn_transf_matrix[3][3]   ? 
_atom_sites.Cartn_transf_vector[1]      ? 
_atom_sites.Cartn_transf_vector[2]      ? 
_atom_sites.Cartn_transf_vector[3]      ? 
_atom_sites.fract_transf_matrix[1][1]   0.02296137 
_atom_sites.fract_transf_matrix[1][2]   0.01830635 
_atom_sites.fract_transf_matrix[1][3]   0.00137361 
_atom_sites.fract_transf_matrix[2][1]   0.02369413 
_atom_sites.fract_transf_matrix[2][2]   -0.03008204 
_atom_sites.fract_transf_matrix[2][3]   0.00483602 
_atom_sites.fract_transf_matrix[3][1]   0.00397838 
_atom_sites.fract_transf_matrix[3][2]   0.00039316 
_atom_sites.fract_transf_matrix[3][3]   -0.01704650 
_atom_sites.fract_transf_vector[1]      0.022205 
_atom_sites.fract_transf_vector[2]      0.003582 
_atom_sites.fract_transf_vector[3]      0.280272 
_atom_sites.solution_primary            ? 
_atom_sites.solution_secondary          ? 
_atom_sites.solution_hydrogens          ? 
_atom_sites.special_details             ? 
# 
loop_
_atom_type.symbol 
C  
N  
O  
P  
S  
ZN 
# 
loop_
_atom_site.group_PDB 
_atom_site.id 
_atom_site.type_symbol 
_atom_site.label_atom_id 
_atom_site.label_alt_id 
_atom_site.label_comp_id 
_atom_site.label_asym_id 
_atom_site.label_entity_id 
_atom_site.label_seq_id 
_atom_site.pdbx_PDB_ins_code 
_atom_site.Cartn_x 
_atom_site.Cartn_y 
_atom_site.Cartn_z 
_atom_site.occupancy 
_atom_site.B_iso_or_equiv 
_atom_site.pdbx_formal_charge 
_atom_site.auth_seq_id 
_atom_site.auth_comp_id 
_atom_site.auth_asym_id 
_atom_site.auth_atom_id 
_atom_site.pdbx_PDB_model_num 
ATOM   1   N  N   . MET A 1 1  ? 10.854  -1.024  -13.612 1.00 24.96 ?  229 MET A N   1 
ATOM   2   C  CA  . MET A 1 1  ? 9.662   -1.770  -13.261 1.00 21.53 ?  229 MET A CA  1 
ATOM   3   C  C   . MET A 1 1  ? 8.668   -1.116  -12.343 1.00 14.27 ?  229 MET A C   1 
ATOM   4   O  O   . MET A 1 1  ? 9.038   -0.562  -11.293 1.00 15.03 ?  229 MET A O   1 
ATOM   5   C  CB  . MET A 1 1  ? 10.068  -3.102  -12.672 1.00 25.61 ?  229 MET A CB  1 
ATOM   6   C  CG  . MET A 1 1  ? 10.735  -4.020  -13.617 1.00 26.52 ?  229 MET A CG  1 
ATOM   7   S  SD  . MET A 1 1  ? 9.634   -4.458  -14.988 1.00 18.40 ?  229 MET A SD  1 
ATOM   8   C  CE  . MET A 1 1  ? 10.304  -3.369  -16.265 1.00 18.59 ?  229 MET A CE  1 
ATOM   9   N  N   . PRO A 1 2  ? 7.424   -1.151  -12.819 1.00 16.23 ?  230 PRO A N   1 
ATOM   10  C  CA  . PRO A 1 2  ? 6.269   -0.839  -11.985 1.00 14.52 ?  230 PRO A CA  1 
ATOM   11  C  C   . PRO A 1 2  ? 6.168   -1.743  -10.777 1.00 12.95 ?  230 PRO A C   1 
ATOM   12  O  O   . PRO A 1 2  ? 6.576   -2.900  -10.812 1.00 12.89 ?  230 PRO A O   1 
ATOM   13  C  CB  . PRO A 1 2  ? 5.101   -1.101  -12.929 1.00 11.76 ?  230 PRO A CB  1 
ATOM   14  C  CG  . PRO A 1 2  ? 5.677   -1.098  -14.291 1.00 14.88 ?  230 PRO A CG  1 
ATOM   15  C  CD  . PRO A 1 2  ? 7.026   -1.685  -14.130 1.00 14.33 ?  230 PRO A CD  1 
ATOM   16  N  N   . HIS A 1 3  ? 5.517   -1.222  -9.744  1.00 10.35 ?  231 HIS A N   1 
ATOM   17  C  CA  . HIS A 1 3  ? 5.082   -2.043  -8.625  1.00 11.54 ?  231 HIS A CA  1 
ATOM   18  C  C   . HIS A 1 3  ? 4.011   -3.027  -9.086  1.00 13.19 ?  231 HIS A C   1 
ATOM   19  O  O   . HIS A 1 3  ? 3.396   -2.855  -10.144 1.00 14.59 ?  231 HIS A O   1 
ATOM   20  C  CB  . HIS A 1 3  ? 4.504   -1.174  -7.526  1.00 6.52  ?  231 HIS A CB  1 
ATOM   21  C  CG  . HIS A 1 3  ? 5.492   -0.232  -6.895  1.00 11.61 ?  231 HIS A CG  1 
ATOM   22  N  ND1 . HIS A 1 3  ? 6.449   -0.640  -5.992  1.00 12.85 ?  231 HIS A ND1 1 
ATOM   23  C  CD2 . HIS A 1 3  ? 5.654   1.108   -7.036  1.00 14.72 ?  231 HIS A CD2 1 
ATOM   24  C  CE1 . HIS A 1 3  ? 7.151   0.409   -5.591  1.00 12.51 ?  231 HIS A CE1 1 
ATOM   25  N  NE2 . HIS A 1 3  ? 6.688   1.483   -6.208  1.00 13.27 ?  231 HIS A NE2 1 
ATOM   26  N  N   . ARG A 1 4  ? 3.792   -4.069  -8.284  1.00 8.44  ?  232 ARG A N   1 
ATOM   27  C  CA  . ARG A 1 4  ? 2.695   -5.026  -8.505  1.00 8.42  ?  232 ARG A CA  1 
ATOM   28  C  C   . ARG A 1 4  ? 1.849   -5.105  -7.226  1.00 9.64  ?  232 ARG A C   1 
ATOM   29  O  O   . ARG A 1 4  ? 2.046   -5.974  -6.375  1.00 9.86  ?  232 ARG A O   1 
ATOM   30  C  CB  . ARG A 1 4  ? 3.243   -6.388  -8.920  1.00 9.37  ?  232 ARG A CB  1 
ATOM   31  C  CG  . ARG A 1 4  ? 3.657   -6.427  -10.399 1.00 7.66  ?  232 ARG A CG  1 
ATOM   32  C  CD  . ARG A 1 4  ? 3.833   -7.857  -10.870 1.00 12.28 ?  232 ARG A CD  1 
ATOM   33  N  NE  . ARG A 1 4  ? 4.927   -8.520  -10.160 1.00 13.75 ?  232 ARG A NE  1 
ATOM   34  C  CZ  . ARG A 1 4  ? 5.205   -9.815  -10.292 1.00 20.83 ?  232 ARG A CZ  1 
ATOM   35  N  NH1 . ARG A 1 4  ? 4.468   -10.583 -11.091 1.00 20.02 ?  232 ARG A NH1 1 
ATOM   36  N  NH2 . ARG A 1 4  ? 6.210   -10.347 -9.614  1.00 19.87 ?  232 ARG A NH2 1 
ATOM   37  N  N   . PHE A 1 5  ? 0.887   -4.201  -7.100  1.00 8.96  ?  233 PHE A N   1 
ATOM   38  C  CA  . PHE A 1 5  ? 0.098   -4.066  -5.878  1.00 6.25  ?  233 PHE A CA  1 
ATOM   39  C  C   . PHE A 1 5  ? -1.078  -5.042  -5.838  1.00 10.92 ?  233 PHE A C   1 
ATOM   40  O  O   . PHE A 1 5  ? -1.689  -5.371  -6.865  1.00 8.88  ?  233 PHE A O   1 
ATOM   41  C  CB  . PHE A 1 5  ? -0.441  -2.632  -5.743  1.00 8.01  ?  233 PHE A CB  1 
ATOM   42  C  CG  . PHE A 1 5  ? 0.580   -1.649  -5.266  1.00 7.69  ?  233 PHE A CG  1 
ATOM   43  C  CD1 . PHE A 1 5  ? 1.066   -1.698  -3.955  1.00 6.89  ?  233 PHE A CD1 1 
ATOM   44  C  CD2 . PHE A 1 5  ? 1.080   -0.694  -6.126  1.00 9.19  ?  233 PHE A CD2 1 
ATOM   45  C  CE1 . PHE A 1 5  ? 2.003   -0.775  -3.523  1.00 7.72  ?  233 PHE A CE1 1 
ATOM   46  C  CE2 . PHE A 1 5  ? 2.019   0.218   -5.699  1.00 10.14 ?  233 PHE A CE2 1 
ATOM   47  C  CZ  . PHE A 1 5  ? 2.495   0.179   -4.413  1.00 12.68 ?  233 PHE A CZ  1 
ATOM   48  N  N   . LYS A 1 6  ? -1.394  -5.504  -4.624  1.00 7.98  ?  234 LYS A N   1 
ATOM   49  C  CA  . LYS A 1 6  ? -2.465  -6.472  -4.403  1.00 10.80 ?  234 LYS A CA  1 
ATOM   50  C  C   . LYS A 1 6  ? -3.197  -6.031  -3.140  1.00 12.62 ?  234 LYS A C   1 
ATOM   51  O  O   . LYS A 1 6  ? -2.570  -5.494  -2.215  1.00 8.97  ?  234 LYS A O   1 
ATOM   52  C  CB  . LYS A 1 6  ? -1.894  -7.905  -4.280  1.00 12.89 ?  234 LYS A CB  1 
ATOM   53  C  CG  . LYS A 1 6  ? -0.925  -8.014  -3.113  1.00 10.77 ?  234 LYS A CG  1 
ATOM   54  C  CD  . LYS A 1 6  ? -0.609  -9.417  -2.673  1.00 17.11 ?  234 LYS A CD  1 
ATOM   55  C  CE  . LYS A 1 6  ? 0.749   -9.479  -2.023  1.00 16.66 ?  234 LYS A CE  1 
ATOM   56  N  NZ  . LYS A 1 6  ? 1.226   -10.888 -1.871  1.00 14.44 ?  234 LYS A NZ  1 
ATOM   57  N  N   . VAL A 1 7  ? -4.534  -6.170  -3.127  1.00 12.47 ?  235 VAL A N   1 
ATOM   58  C  CA  . VAL A 1 7  ? -5.296  -5.875  -1.911  1.00 9.05  ?  235 VAL A CA  1 
ATOM   59  C  C   . VAL A 1 7  ? -4.747  -6.752  -0.804  1.00 12.31 ?  235 VAL A C   1 
ATOM   60  O  O   . VAL A 1 7  ? -4.477  -7.935  -1.031  1.00 13.36 ?  235 VAL A O   1 
ATOM   61  C  CB  . VAL A 1 7  ? -6.799  -6.128  -2.121  1.00 10.19 ?  235 VAL A CB  1 
ATOM   62  C  CG1 . VAL A 1 7  ? -7.561  -5.892  -0.807  1.00 14.88 ?  235 VAL A CG1 1 
ATOM   63  C  CG2 . VAL A 1 7  ? -7.355  -5.259  -3.244  1.00 15.13 ?  235 VAL A CG2 1 
ATOM   64  N  N   . TYR A 1 8  ? -4.532  -6.179  0.384   1.00 12.57 ?  236 TYR A N   1 
ATOM   65  C  CA  . TYR A 1 8  ? -3.867  -6.898  1.469   1.00 8.60  ?  236 TYR A CA  1 
ATOM   66  C  C   . TYR A 1 8  ? -4.586  -6.611  2.780   1.00 9.29  ?  236 TYR A C   1 
ATOM   67  O  O   . TYR A 1 8  ? -5.297  -5.612  2.929   1.00 13.20 ?  236 TYR A O   1 
ATOM   68  C  CB  . TYR A 1 8  ? -2.378  -6.528  1.606   1.00 13.32 ?  236 TYR A CB  1 
ATOM   69  C  CG  . TYR A 1 8  ? -1.548  -7.589  2.302   1.00 9.16  ?  236 TYR A CG  1 
ATOM   70  C  CD1 . TYR A 1 8  ? -1.173  -8.742  1.620   1.00 16.63 ?  236 TYR A CD1 1 
ATOM   71  C  CD2 . TYR A 1 8  ? -1.119  -7.444  3.621   1.00 16.25 ?  236 TYR A CD2 1 
ATOM   72  C  CE1 . TYR A 1 8  ? -0.422  -9.734  2.231   1.00 14.38 ?  236 TYR A CE1 1 
ATOM   73  C  CE2 . TYR A 1 8  ? -0.357  -8.447  4.247   1.00 16.87 ?  236 TYR A CE2 1 
ATOM   74  C  CZ  . TYR A 1 8  ? -0.005  -9.574  3.530   1.00 18.40 ?  236 TYR A CZ  1 
ATOM   75  O  OH  . TYR A 1 8  ? 0.733   -10.568 4.113   1.00 26.95 ?  236 TYR A OH  1 
ATOM   76  N  N   . ASN A 1 9  ? -4.415  -7.530  3.711   1.00 9.29  ?  237 ASN A N   1 
ATOM   77  C  CA  . ASN A 1 9  ? -5.079  -7.505  5.012   1.00 14.56 ?  237 ASN A CA  1 
ATOM   78  C  C   . ASN A 1 9  ? -3.987  -7.465  6.061   1.00 17.30 ?  237 ASN A C   1 
ATOM   79  O  O   . ASN A 1 9  ? -3.155  -8.368  6.120   1.00 11.45 ?  237 ASN A O   1 
ATOM   80  C  CB  . ASN A 1 9  ? -5.954  -8.740  5.199   1.00 14.51 ?  237 ASN A CB  1 
ATOM   81  C  CG  . ASN A 1 9  ? -7.110  -8.772  4.245   1.00 14.82 ?  237 ASN A CG  1 
ATOM   82  O  OD1 . ASN A 1 9  ? -8.215  -8.318  4.573   1.00 17.48 ?  237 ASN A OD1 1 
ATOM   83  N  ND2 . ASN A 1 9  ? -6.852  -9.234  3.008   1.00 14.41 ?  237 ASN A ND2 1 
ATOM   84  N  N   . TYR A 1 10 ? -3.969  -6.412  6.851   1.00 14.34 ?  238 TYR A N   1 
ATOM   85  C  CA  . TYR A 1 10 ? -2.905  -6.166  7.804   1.00 15.38 ?  238 TYR A CA  1 
ATOM   86  C  C   . TYR A 1 10 ? -3.338  -6.586  9.208   1.00 15.50 ?  238 TYR A C   1 
ATOM   87  O  O   . TYR A 1 10 ? -4.511  -6.510  9.547   1.00 17.88 ?  238 TYR A O   1 
ATOM   88  C  CB  . TYR A 1 10 ? -2.527  -4.683  7.729   1.00 13.66 ?  238 TYR A CB  1 
ATOM   89  C  CG  . TYR A 1 10 ? -1.953  -4.327  6.357   1.00 8.22  ?  238 TYR A CG  1 
ATOM   90  C  CD1 . TYR A 1 10 ? -2.790  -4.021  5.273   1.00 16.91 ?  238 TYR A CD1 1 
ATOM   91  C  CD2 . TYR A 1 10 ? -0.596  -4.324  6.157   1.00 12.67 ?  238 TYR A CD2 1 
ATOM   92  C  CE1 . TYR A 1 10 ? -2.266  -3.708  4.024   1.00 10.21 ?  238 TYR A CE1 1 
ATOM   93  C  CE2 . TYR A 1 10 ? -0.046  -4.017  4.895   1.00 8.48  ?  238 TYR A CE2 1 
ATOM   94  C  CZ  . TYR A 1 10 ? -0.888  -3.718  3.848   1.00 12.98 ?  238 TYR A CZ  1 
ATOM   95  O  OH  . TYR A 1 10 ? -0.351  -3.389  2.617   1.00 8.96  ?  238 TYR A OH  1 
ATOM   96  N  N   . MET A 1 11 ? -2.377  -7.072  10.014  1.00 17.99 ?  239 MET A N   1 
ATOM   97  C  CA  . MET A 1 11 ? -2.664  -7.433  11.399  1.00 20.46 ?  239 MET A CA  1 
ATOM   98  C  C   . MET A 1 11 ? -1.762  -6.690  12.362  1.00 28.01 ?  239 MET A C   1 
ATOM   99  O  O   . MET A 1 11 ? -1.486  -7.199  13.460  1.00 17.96 ?  239 MET A O   1 
ATOM   100 C  CB  . MET A 1 11 ? -2.494  -8.918  11.683  1.00 20.49 ?  239 MET A CB  1 
ATOM   101 C  CG  . MET A 1 11 ? -3.452  -9.773  10.996  1.00 27.00 ?  239 MET A CG  1 
ATOM   102 S  SD  . MET A 1 11 ? -3.145  -11.432 11.554  1.00 54.12 ?  239 MET A SD  1 
ATOM   103 C  CE  . MET A 1 11 ? -1.615  -11.869 10.761  1.00 33.04 ?  239 MET A CE  1 
ATOM   104 N  N   . SER A 1 12 ? -1.263  -5.530  11.954  1.00 17.20 ?  240 SER A N   1 
ATOM   105 C  CA  . SER A 1 12 ? -0.435  -4.705  12.812  1.00 20.00 ?  240 SER A CA  1 
ATOM   106 C  C   . SER A 1 12 ? -0.436  -3.309  12.226  1.00 22.43 ?  240 SER A C   1 
ATOM   107 O  O   . SER A 1 12 ? -0.648  -3.150  11.007  1.00 15.14 ?  240 SER A O   1 
ATOM   108 C  CB  . SER A 1 12 ? 0.995   -5.266  12.923  1.00 28.26 ?  240 SER A CB  1 
ATOM   109 O  OG  . SER A 1 12 ? 1.728   -5.099  11.720  1.00 35.20 ?  240 SER A OG  1 
ATOM   110 N  N   . PRO A 1 13 ? -0.226  -2.276  13.056  1.00 16.85 ?  241 PRO A N   1 
ATOM   111 C  CA  . PRO A 1 13 ? -0.274  -0.899  12.550  1.00 17.27 ?  241 PRO A CA  1 
ATOM   112 C  C   . PRO A 1 13 ? 0.662   -0.697  11.381  1.00 19.82 ?  241 PRO A C   1 
ATOM   113 O  O   . PRO A 1 13 ? 1.877   -0.889  11.475  1.00 15.95 ?  241 PRO A O   1 
ATOM   114 C  CB  . PRO A 1 13 ? 0.127   -0.036  13.757  1.00 21.52 ?  241 PRO A CB  1 
ATOM   115 C  CG  . PRO A 1 13 ? 0.564   -0.960  14.829  1.00 21.68 ?  241 PRO A CG  1 
ATOM   116 C  CD  . PRO A 1 13 ? 0.218   -2.365  14.461  1.00 18.57 ?  241 PRO A CD  1 
ATOM   117 N  N   . THR A 1 14 ? 0.063   -0.339  10.250  1.00 17.96 ?  242 THR A N   1 
ATOM   118 C  CA  . THR A 1 14 ? 0.788   -0.170  9.010   1.00 12.91 ?  242 THR A CA  1 
ATOM   119 C  C   . THR A 1 14 ? 0.445   1.191   8.444   1.00 8.04  ?  242 THR A C   1 
ATOM   120 O  O   . THR A 1 14 ? -0.732  1.529   8.295   1.00 13.65 ?  242 THR A O   1 
ATOM   121 C  CB  . THR A 1 14 ? 0.439   -1.270  8.009   1.00 16.39 ?  242 THR A CB  1 
ATOM   122 O  OG1 . THR A 1 14 ? 0.472   -2.544  8.661   1.00 12.40 ?  242 THR A OG1 1 
ATOM   123 C  CG2 . THR A 1 14 ? 1.450   -1.284  6.879   1.00 6.01  ?  242 THR A CG2 1 
ATOM   124 N  N   . PHE A 1 15 ? 1.474   1.975   8.171   1.00 12.16 ?  243 PHE A N   1 
ATOM   125 C  CA  . PHE A 1 15 ? 1.299   3.256   7.513   1.00 13.32 ?  243 PHE A CA  1 
ATOM   126 C  C   . PHE A 1 15 ? 1.441   3.124   6.014   1.00 12.28 ?  243 PHE A C   1 
ATOM   127 O  O   . PHE A 1 15 ? 2.128   2.237   5.502   1.00 14.76 ?  243 PHE A O   1 
ATOM   128 C  CB  . PHE A 1 15 ? 2.299   4.303   8.002   1.00 15.24 ?  243 PHE A CB  1 
ATOM   129 C  CG  . PHE A 1 15 ? 2.210   4.568   9.463   1.00 17.02 ?  243 PHE A CG  1 
ATOM   130 C  CD1 . PHE A 1 15 ? 2.795   3.734   10.369  1.00 16.88 ?  243 PHE A CD1 1 
ATOM   131 C  CD2 . PHE A 1 15 ? 1.409   5.604   9.924   1.00 25.11 ?  243 PHE A CD2 1 
ATOM   132 C  CE1 . PHE A 1 15 ? 2.676   3.981   11.733  1.00 23.31 ?  243 PHE A CE1 1 
ATOM   133 C  CE2 . PHE A 1 15 ? 1.277   5.849   11.274  1.00 21.11 ?  243 PHE A CE2 1 
ATOM   134 C  CZ  . PHE A 1 15 ? 1.914   5.035   12.173  1.00 22.56 ?  243 PHE A CZ  1 
ATOM   135 N  N   . CYS A 1 16 ? 0.809   4.051   5.318   1.00 14.03 ?  244 CYS A N   1 
ATOM   136 C  CA  . CYS A 1 16 ? 0.946   4.124   3.882   1.00 12.29 ?  244 CYS A CA  1 
ATOM   137 C  C   . CYS A 1 16 ? 2.313   4.710   3.563   1.00 13.63 ?  244 CYS A C   1 
ATOM   138 O  O   . CYS A 1 16 ? 2.670   5.785   4.054   1.00 12.87 ?  244 CYS A O   1 
ATOM   139 C  CB  . CYS A 1 16 ? -0.173  4.972   3.302   1.00 13.18 ?  244 CYS A CB  1 
ATOM   140 S  SG  . CYS A 1 16 ? -0.024  5.319   1.539   1.00 10.70 ?  244 CYS A SG  1 
ATOM   141 N  N   . ASP A 1 17 ? 3.086   3.993   2.756   1.00 11.22 ?  245 ASP A N   1 
ATOM   142 C  CA  . ASP A 1 17 ? 4.423   4.444   2.399   1.00 9.67  ?  245 ASP A CA  1 
ATOM   143 C  C   . ASP A 1 17 ? 4.396   5.637   1.468   1.00 12.33 ?  245 ASP A C   1 
ATOM   144 O  O   . ASP A 1 17 ? 5.427   6.297   1.290   1.00 14.71 ?  245 ASP A O   1 
ATOM   145 C  CB  . ASP A 1 17 ? 5.224   3.300   1.778   1.00 19.31 ?  245 ASP A CB  1 
ATOM   146 C  CG  . ASP A 1 17 ? 5.573   2.222   2.785   1.00 13.93 ?  245 ASP A CG  1 
ATOM   147 O  OD1 . ASP A 1 17 ? 5.922   2.564   3.937   1.00 12.49 ?  245 ASP A OD1 1 
ATOM   148 O  OD2 . ASP A 1 17 ? 5.530   1.034   2.422   1.00 12.72 ?  245 ASP A OD2 1 
ATOM   149 N  N   . HIS A 1 18 ? 3.246   5.947   0.890   1.00 10.57 ?  246 HIS A N   1 
ATOM   150 C  CA  . HIS A 1 18 ? 3.137   7.111   0.027   1.00 12.32 ?  246 HIS A CA  1 
ATOM   151 C  C   . HIS A 1 18 ? 2.786   8.350   0.833   1.00 16.12 ?  246 HIS A C   1 
ATOM   152 O  O   . HIS A 1 18 ? 3.514   9.346   0.792   1.00 9.94  ?  246 HIS A O   1 
ATOM   153 C  CB  . HIS A 1 18 ? 2.090   6.871   -1.059  1.00 14.05 ?  246 HIS A CB  1 
ATOM   154 C  CG  . HIS A 1 18 ? 1.848   8.059   -1.952  1.00 12.32 ?  246 HIS A CG  1 
ATOM   155 N  ND1 . HIS A 1 18 ? 2.801   8.561   -2.818  1.00 11.26 ?  246 HIS A ND1 1 
ATOM   156 C  CD2 . HIS A 1 18 ? 0.744   8.817   -2.131  1.00 15.39 ?  246 HIS A CD2 1 
ATOM   157 C  CE1 . HIS A 1 18 ? 2.296   9.583   -3.484  1.00 14.17 ?  246 HIS A CE1 1 
ATOM   158 N  NE2 . HIS A 1 18 ? 1.050   9.768   -3.078  1.00 15.90 ?  246 HIS A NE2 1 
ATOM   159 N  N   . CYS A 1 19 ? 1.660   8.313   1.546   1.00 13.29 ?  247 CYS A N   1 
ATOM   160 C  CA  . CYS A 1 19 ? 1.124   9.534   2.127   1.00 12.80 ?  247 CYS A CA  1 
ATOM   161 C  C   . CYS A 1 19 ? 1.373   9.653   3.625   1.00 12.28 ?  247 CYS A C   1 
ATOM   162 O  O   . CYS A 1 19 ? 1.017   10.679  4.206   1.00 12.50 ?  247 CYS A O   1 
ATOM   163 C  CB  . CYS A 1 19 ? -0.380  9.642   1.837   1.00 11.38 ?  247 CYS A CB  1 
ATOM   164 S  SG  . CYS A 1 19 ? -1.495  8.595   2.860   1.00 14.64 ?  247 CYS A SG  1 
ATOM   165 N  N   . GLY A 1 20 ? 1.921   8.621   4.268   1.00 12.77 ?  248 GLY A N   1 
ATOM   166 C  CA  . GLY A 1 20 ? 2.258   8.691   5.675   1.00 15.35 ?  248 GLY A CA  1 
ATOM   167 C  C   . GLY A 1 20 ? 1.142   8.311   6.624   1.00 19.86 ?  248 GLY A C   1 
ATOM   168 O  O   . GLY A 1 20 ? 1.427   7.911   7.757   1.00 18.16 ?  248 GLY A O   1 
ATOM   169 N  N   . SER A 1 21 ? -0.108  8.365   6.172   1.00 12.23 ?  249 SER A N   1 
ATOM   170 C  CA  . SER A 1 21 ? -1.271  8.117   7.014   1.00 15.87 ?  249 SER A CA  1 
ATOM   171 C  C   . SER A 1 21 ? -1.411  6.640   7.342   1.00 15.60 ?  249 SER A C   1 
ATOM   172 O  O   . SER A 1 21 ? -0.991  5.771   6.573   1.00 13.27 ?  249 SER A O   1 
ATOM   173 C  CB  . SER A 1 21 ? -2.544  8.598   6.305   1.00 19.38 ?  249 SER A CB  1 
ATOM   174 O  OG  . SER A 1 21 ? -3.696  8.297   7.057   1.00 33.75 ?  249 SER A OG  1 
ATOM   175 N  N   . LEU A 1 22 ? -2.044  6.354   8.482   1.00 12.25 ?  250 LEU A N   1 
ATOM   176 C  CA  . LEU A 1 22 ? -2.311  4.963   8.848   1.00 17.03 ?  250 LEU A CA  1 
ATOM   177 C  C   . LEU A 1 22 ? -3.275  4.310   7.857   1.00 11.25 ?  250 LEU A C   1 
ATOM   178 O  O   . LEU A 1 22 ? -4.178  4.953   7.315   1.00 15.88 ?  250 LEU A O   1 
ATOM   179 C  CB  . LEU A 1 22 ? -2.907  4.876   10.266  1.00 15.71 ?  250 LEU A CB  1 
ATOM   180 C  CG  . LEU A 1 22 ? -2.893  3.497   10.942  1.00 13.04 ?  250 LEU A CG  1 
ATOM   181 C  CD1 . LEU A 1 22 ? -1.486  3.181   11.409  1.00 18.90 ?  250 LEU A CD1 1 
ATOM   182 C  CD2 . LEU A 1 22 ? -3.899  3.386   12.100  1.00 21.46 ?  250 LEU A CD2 1 
ATOM   183 N  N   . LEU A 1 23 ? -3.106  3.003   7.657   1.00 11.19 ?  251 LEU A N   1 
ATOM   184 C  CA  . LEU A 1 23 ? -4.080  2.201   6.918   1.00 9.09  ?  251 LEU A CA  1 
ATOM   185 C  C   . LEU A 1 23 ? -5.147  1.781   7.918   1.00 14.78 ?  251 LEU A C   1 
ATOM   186 O  O   . LEU A 1 23 ? -4.853  1.019   8.842   1.00 18.64 ?  251 LEU A O   1 
ATOM   187 C  CB  . LEU A 1 23 ? -3.433  0.967   6.293   1.00 11.06 ?  251 LEU A CB  1 
ATOM   188 C  CG  . LEU A 1 23 ? -2.237  1.200   5.368   1.00 19.19 ?  251 LEU A CG  1 
ATOM   189 C  CD1 . LEU A 1 23 ? -1.747  -0.131  4.774   1.00 8.49  ?  251 LEU A CD1 1 
ATOM   190 C  CD2 . LEU A 1 23 ? -2.625  2.168   4.290   1.00 14.90 ?  251 LEU A CD2 1 
ATOM   191 N  N   . TRP A 1 24 ? -6.372  2.276   7.745   1.00 12.80 ?  252 TRP A N   1 
ATOM   192 C  CA  . TRP A 1 24 ? -7.447  2.006   8.693   1.00 19.89 ?  252 TRP A CA  1 
ATOM   193 C  C   . TRP A 1 24 ? -8.317  0.829   8.238   1.00 16.94 ?  252 TRP A C   1 
ATOM   194 O  O   . TRP A 1 24 ? -8.395  0.505   7.056   1.00 20.55 ?  252 TRP A O   1 
ATOM   195 C  CB  . TRP A 1 24 ? -8.336  3.237   8.888   1.00 16.24 ?  252 TRP A CB  1 
ATOM   196 C  CG  . TRP A 1 24 ? -7.677  4.380   9.598   1.00 22.79 ?  252 TRP A CG  1 
ATOM   197 C  CD1 . TRP A 1 24 ? -7.120  5.503   9.035   1.00 22.79 ?  252 TRP A CD1 1 
ATOM   198 C  CD2 . TRP A 1 24 ? -7.496  4.501   11.001  1.00 24.66 ?  252 TRP A CD2 1 
ATOM   199 N  NE1 . TRP A 1 24 ? -6.615  6.322   10.018  1.00 25.36 ?  252 TRP A NE1 1 
ATOM   200 C  CE2 . TRP A 1 24 ? -6.830  5.727   11.234  1.00 29.10 ?  252 TRP A CE2 1 
ATOM   201 C  CE3 . TRP A 1 24 ? -7.845  3.701   12.091  1.00 25.82 ?  252 TRP A CE3 1 
ATOM   202 C  CZ2 . TRP A 1 24 ? -6.501  6.161   12.513  1.00 32.89 ?  252 TRP A CZ2 1 
ATOM   203 C  CZ3 . TRP A 1 24 ? -7.516  4.131   13.358  1.00 27.29 ?  252 TRP A CZ3 1 
ATOM   204 C  CH2 . TRP A 1 24 ? -6.845  5.349   13.557  1.00 33.30 ?  252 TRP A CH2 1 
ATOM   205 N  N   . GLY A 1 25 ? -8.979  0.206   9.202   1.00 17.07 ?  253 GLY A N   1 
ATOM   206 C  CA  . GLY A 1 25 ? -9.912  -0.874  8.944   1.00 16.24 ?  253 GLY A CA  1 
ATOM   207 C  C   . GLY A 1 25 ? -9.451  -2.172  9.578   1.00 15.88 ?  253 GLY A C   1 
ATOM   208 O  O   . GLY A 1 25 ? -8.315  -2.317  10.021  1.00 15.63 ?  253 GLY A O   1 
ATOM   209 N  N   . LEU A 1 26 ? -10.379 -3.129  9.619   1.00 20.46 ?  254 LEU A N   1 
ATOM   210 C  CA  . LEU A 1 26 ? -10.045 -4.454  10.126  1.00 18.52 ?  254 LEU A CA  1 
ATOM   211 C  C   . LEU A 1 26 ? -9.598  -5.389  9.023   1.00 17.01 ?  254 LEU A C   1 
ATOM   212 O  O   . LEU A 1 26 ? -8.891  -6.362  9.297   1.00 18.41 ?  254 LEU A O   1 
ATOM   213 C  CB  . LEU A 1 26 ? -11.241 -5.086  10.862  1.00 13.90 ?  254 LEU A CB  1 
ATOM   214 C  CG  . LEU A 1 26 ? -11.625 -4.420  12.183  1.00 23.21 ?  254 LEU A CG  1 
ATOM   215 C  CD1 . LEU A 1 26 ? -12.778 -5.193  12.802  1.00 30.12 ?  254 LEU A CD1 1 
ATOM   216 C  CD2 . LEU A 1 26 ? -10.439 -4.299  13.164  1.00 11.60 ?  254 LEU A CD2 1 
ATOM   217 N  N   . VAL A 1 27 ? -9.996  -5.108  7.788   1.00 14.88 ?  255 VAL A N   1 
ATOM   218 C  CA  . VAL A 1 27 ? -9.639  -5.916  6.635   1.00 17.62 ?  255 VAL A CA  1 
ATOM   219 C  C   . VAL A 1 27 ? -9.379  -5.011  5.434   1.00 10.56 ?  255 VAL A C   1 
ATOM   220 O  O   . VAL A 1 27 ? -9.868  -3.878  5.345   1.00 12.42 ?  255 VAL A O   1 
ATOM   221 C  CB  . VAL A 1 27 ? -10.724 -6.972  6.287   1.00 17.71 ?  255 VAL A CB  1 
ATOM   222 C  CG1 . VAL A 1 27 ? -10.960 -7.932  7.430   1.00 18.52 ?  255 VAL A CG1 1 
ATOM   223 C  CG2 . VAL A 1 27 ? -12.034 -6.293  5.927   1.00 22.78 ?  255 VAL A CG2 1 
ATOM   224 N  N   . LYS A 1 28 ? -8.597  -5.539  4.498   1.00 13.47 ?  256 LYS A N   1 
ATOM   225 C  CA  . LYS A 1 28 ? -8.445  -4.933  3.184   1.00 11.76 ?  256 LYS A CA  1 
ATOM   226 C  C   . LYS A 1 28 ? -8.019  -3.479  3.310   1.00 10.69 ?  256 LYS A C   1 
ATOM   227 O  O   . LYS A 1 28 ? -8.467  -2.615  2.553   1.00 17.53 ?  256 LYS A O   1 
ATOM   228 C  CB  . LYS A 1 28 ? -9.746  -5.031  2.405   1.00 13.30 ?  256 LYS A CB  1 
ATOM   229 C  CG  . LYS A 1 28 ? -10.104 -6.450  2.209   1.00 16.96 ?  256 LYS A CG  1 
ATOM   230 C  CD  . LYS A 1 28 ? -11.054 -6.609  1.125   1.00 24.03 ?  256 LYS A CD  1 
ATOM   231 C  CE  . LYS A 1 28 ? -11.827 -7.828  1.458   1.00 32.30 ?  256 LYS A CE  1 
ATOM   232 N  NZ  . LYS A 1 28 ? -12.634 -8.107  0.323   1.00 38.06 ?  256 LYS A NZ  1 
ATOM   233 N  N   . GLN A 1 29 ? -7.178  -3.195  4.290   1.00 11.70 ?  257 GLN A N   1 
ATOM   234 C  CA  . GLN A 1 29 ? -6.949  -1.786  4.612   1.00 12.97 ?  257 GLN A CA  1 
ATOM   235 C  C   . GLN A 1 29 ? -6.091  -1.068  3.574   1.00 13.95 ?  257 GLN A C   1 
ATOM   236 O  O   . GLN A 1 29 ? -6.044  0.162   3.592   1.00 11.40 ?  257 GLN A O   1 
ATOM   237 C  CB  . GLN A 1 29 ? -6.316  -1.676  5.997   1.00 14.30 ?  257 GLN A CB  1 
ATOM   238 C  CG  . GLN A 1 29 ? -7.085  -2.405  7.074   1.00 14.65 ?  257 GLN A CG  1 
ATOM   239 C  CD  . GLN A 1 29 ? -6.438  -3.736  7.414   1.00 17.30 ?  257 GLN A CD  1 
ATOM   240 O  OE1 . GLN A 1 29 ? -5.953  -4.428  6.529   1.00 16.18 ?  257 GLN A OE1 1 
ATOM   241 N  NE2 . GLN A 1 29 ? -6.400  -4.088  8.702   1.00 14.46 ?  257 GLN A NE2 1 
ATOM   242 N  N   . GLY A 1 30 ? -5.449  -1.785  2.665   1.00 12.22 ?  258 GLY A N   1 
ATOM   243 C  CA  . GLY A 1 30 ? -4.673  -1.139  1.621   1.00 9.15  ?  258 GLY A CA  1 
ATOM   244 C  C   . GLY A 1 30 ? -4.137  -2.159  0.642   1.00 11.47 ?  258 GLY A C   1 
ATOM   245 O  O   . GLY A 1 30 ? -4.640  -3.281  0.567   1.00 10.01 ?  258 GLY A O   1 
ATOM   246 N  N   . LEU A 1 31 ? -3.092  -1.754  -0.090  1.00 11.59 ?  259 LEU A N   1 
ATOM   247 C  CA  . LEU A 1 31 ? -2.433  -2.582  -1.095  1.00 12.69 ?  259 LEU A CA  1 
ATOM   248 C  C   . LEU A 1 31 ? -0.966  -2.791  -0.738  1.00 6.96  ?  259 LEU A C   1 
ATOM   249 O  O   . LEU A 1 31 ? -0.279  -1.860  -0.300  1.00 10.39 ?  259 LEU A O   1 
ATOM   250 C  CB  . LEU A 1 31 ? -2.533  -1.932  -2.486  1.00 9.09  ?  259 LEU A CB  1 
ATOM   251 C  CG  . LEU A 1 31 ? -3.891  -1.326  -2.817  1.00 12.95 ?  259 LEU A CG  1 
ATOM   252 C  CD1 . LEU A 1 31 ? -3.788  -0.503  -4.104  1.00 17.91 ?  259 LEU A CD1 1 
ATOM   253 C  CD2 . LEU A 1 31 ? -4.967  -2.401  -2.937  1.00 13.42 ?  259 LEU A CD2 1 
ATOM   254 N  N   . LYS A 1 32 ? -0.475  -4.005  -0.956  1.00 11.03 ?  260 LYS A N   1 
ATOM   255 C  CA  . LYS A 1 32 ? 0.929   -4.332  -0.738  1.00 10.49 ?  260 LYS A CA  1 
ATOM   256 C  C   . LYS A 1 32 ? 1.539   -4.715  -2.072  1.00 9.10  ?  260 LYS A C   1 
ATOM   257 O  O   . LYS A 1 32 ? 0.911   -5.429  -2.859  1.00 8.47  ?  260 LYS A O   1 
ATOM   258 C  CB  . LYS A 1 32 ? 1.080   -5.483  0.271   1.00 10.10 ?  260 LYS A CB  1 
ATOM   259 C  CG  . LYS A 1 32 ? 2.504   -5.879  0.541   1.00 15.51 ?  260 LYS A CG  1 
ATOM   260 C  CD  . LYS A 1 32 ? 2.616   -7.099  1.443   1.00 14.04 ?  260 LYS A CD  1 
ATOM   261 C  CE  . LYS A 1 32 ? 2.311   -6.717  2.856   1.00 18.53 ?  260 LYS A CE  1 
ATOM   262 N  NZ  . LYS A 1 32 ? 3.328   -5.783  3.433   1.00 18.36 ?  260 LYS A NZ  1 
ATOM   263 N  N   . CYS A 1 33 ? 2.746   -4.208  -2.341  1.00 8.10  ?  261 CYS A N   1 
ATOM   264 C  CA  . CYS A 1 33 ? 3.458   -4.576  -3.561  1.00 6.48  ?  261 CYS A CA  1 
ATOM   265 C  C   . CYS A 1 33 ? 4.045   -5.979  -3.417  1.00 11.37 ?  261 CYS A C   1 
ATOM   266 O  O   . CYS A 1 33 ? 4.738   -6.279  -2.433  1.00 10.33 ?  261 CYS A O   1 
ATOM   267 C  CB  . CYS A 1 33 ? 4.581   -3.574  -3.857  1.00 6.41  ?  261 CYS A CB  1 
ATOM   268 S  SG  . CYS A 1 33 ? 5.452   -4.015  -5.358  1.00 11.28 ?  261 CYS A SG  1 
ATOM   269 N  N   . GLU A 1 34 ? 3.766   -6.831  -4.408  1.00 7.85  ?  262 GLU A N   1 
ATOM   270 C  CA  . GLU A 1 34 ? 4.201   -8.227  -4.370  1.00 14.42 ?  262 GLU A CA  1 
ATOM   271 C  C   . GLU A 1 34 ? 5.713   -8.326  -4.327  1.00 13.33 ?  262 GLU A C   1 
ATOM   272 O  O   . GLU A 1 34 ? 6.268   -9.325  -3.839  1.00 15.42 ?  262 GLU A O   1 
ATOM   273 C  CB  . GLU A 1 34 ? 3.663   -8.940  -5.619  1.00 14.74 ?  262 GLU A CB  1 
ATOM   274 C  CG  . GLU A 1 34 ? 3.952   -10.445 -5.815  1.00 13.34 ?  262 GLU A CG  1 
ATOM   275 C  CD  . GLU A 1 34 ? 3.237   -11.361 -4.839  1.00 24.67 ?  262 GLU A CD  1 
ATOM   276 O  OE1 . GLU A 1 34 ? 2.164   -10.990 -4.314  1.00 18.47 ?  262 GLU A OE1 1 
ATOM   277 O  OE2 . GLU A 1 34 ? 3.731   -12.489 -4.634  1.00 31.20 ?  262 GLU A OE2 1 
ATOM   278 N  N   . ASP A 1 35 ? 6.397   -7.332  -4.880  1.00 9.31  ?  263 ASP A N   1 
ATOM   279 C  CA  . ASP A 1 35 ? 7.832   -7.427  -5.127  1.00 16.64 ?  263 ASP A CA  1 
ATOM   280 C  C   . ASP A 1 35 ? 8.685   -6.736  -4.075  1.00 12.58 ?  263 ASP A C   1 
ATOM   281 O  O   . ASP A 1 35 ? 9.697   -7.298  -3.653  1.00 17.60 ?  263 ASP A O   1 
ATOM   282 C  CB  . ASP A 1 35 ? 8.141   -6.870  -6.516  1.00 10.61 ?  263 ASP A CB  1 
ATOM   283 C  CG  . ASP A 1 35 ? 7.394   -7.645  -7.600  1.00 13.73 ?  263 ASP A CG  1 
ATOM   284 O  OD1 . ASP A 1 35 ? 7.510   -8.894  -7.615  1.00 12.58 ?  263 ASP A OD1 1 
ATOM   285 O  OD2 . ASP A 1 35 ? 6.646   -7.029  -8.378  1.00 17.30 ?  263 ASP A OD2 1 
ATOM   286 N  N   . CYS A 1 36 ? 8.299   -5.537  -3.633  1.00 9.87  ?  264 CYS A N   1 
ATOM   287 C  CA  . CYS A 1 36 ? 9.102   -4.780  -2.683  1.00 16.33 ?  264 CYS A CA  1 
ATOM   288 C  C   . CYS A 1 36 ? 8.437   -4.600  -1.326  1.00 18.21 ?  264 CYS A C   1 
ATOM   289 O  O   . CYS A 1 36 ? 9.102   -4.147  -0.388  1.00 19.18 ?  264 CYS A O   1 
ATOM   290 C  CB  . CYS A 1 36 ? 9.452   -3.397  -3.250  1.00 13.06 ?  264 CYS A CB  1 
ATOM   291 S  SG  . CYS A 1 36 ? 8.039   -2.241  -3.284  1.00 10.00 ?  264 CYS A SG  1 
ATOM   292 N  N   . GLY A 1 37 ? 7.157   -4.945  -1.191  1.00 9.38  ?  265 GLY A N   1 
ATOM   293 C  CA  . GLY A 1 37 ? 6.484   -4.875  0.081   1.00 10.79 ?  265 GLY A CA  1 
ATOM   294 C  C   . GLY A 1 37 ? 5.976   -3.515  0.494   1.00 12.61 ?  265 GLY A C   1 
ATOM   295 O  O   . GLY A 1 37 ? 5.479   -3.389  1.634   1.00 12.28 ?  265 GLY A O   1 
ATOM   296 N  N   . MET A 1 38 ? 6.093   -2.504  -0.377  1.00 9.72  ?  266 MET A N   1 
ATOM   297 C  CA  . MET A 1 38 ? 5.448   -1.208  -0.163  1.00 13.77 ?  266 MET A CA  1 
ATOM   298 C  C   . MET A 1 38 ? 3.992   -1.396  0.236   1.00 8.95  ?  266 MET A C   1 
ATOM   299 O  O   . MET A 1 38 ? 3.301   -2.243  -0.328  1.00 8.45  ?  266 MET A O   1 
ATOM   300 C  CB  . MET A 1 38 ? 5.451   -0.379  -1.454  1.00 13.02 ?  266 MET A CB  1 
ATOM   301 C  CG  . MET A 1 38 ? 5.103   1.099   -1.254  1.00 13.36 ?  266 MET A CG  1 
ATOM   302 S  SD  . MET A 1 38 ? 5.610   2.126   -2.635  1.00 16.83 ?  266 MET A SD  1 
ATOM   303 C  CE  . MET A 1 38 ? 5.377   3.755   -1.902  1.00 22.01 ?  266 MET A CE  1 
ATOM   304 N  N   . ASN A 1 39 ? 3.505   -0.545  1.149   1.00 8.29  ?  267 ASN A N   1 
ATOM   305 C  CA  . ASN A 1 39 ? 2.102   -0.524  1.559   1.00 13.76 ?  267 ASN A CA  1 
ATOM   306 C  C   . ASN A 1 39 ? 1.506   0.833   1.227   1.00 8.19  ?  267 ASN A C   1 
ATOM   307 O  O   . ASN A 1 39 ? 2.129   1.857   1.506   1.00 12.76 ?  267 ASN A O   1 
ATOM   308 C  CB  . ASN A 1 39 ? 1.974   -0.825  3.060   1.00 8.05  ?  267 ASN A CB  1 
ATOM   309 C  CG  . ASN A 1 39 ? 2.640   -2.134  3.429   1.00 10.19 ?  267 ASN A CG  1 
ATOM   310 O  OD1 . ASN A 1 39 ? 2.254   -3.182  2.915   1.00 12.34 ?  267 ASN A OD1 1 
ATOM   311 N  ND2 . ASN A 1 39 ? 3.689   -2.077  4.270   1.00 7.45  ?  267 ASN A ND2 1 
ATOM   312 N  N   . VAL A 1 40 ? 0.317   0.845   0.601   1.00 10.36 ?  268 VAL A N   1 
ATOM   313 C  CA  . VAL A 1 40 ? -0.328  2.082   0.159   1.00 6.75  ?  268 VAL A CA  1 
ATOM   314 C  C   . VAL A 1 40 ? -1.843  1.980   0.304   1.00 7.61  ?  268 VAL A C   1 
ATOM   315 O  O   . VAL A 1 40 ? -2.431  0.901   0.189   1.00 10.06 ?  268 VAL A O   1 
ATOM   316 C  CB  . VAL A 1 40 ? 0.018   2.456   -1.309  1.00 9.93  ?  268 VAL A CB  1 
ATOM   317 C  CG1 . VAL A 1 40 ? 1.533   2.638   -1.512  1.00 9.27  ?  268 VAL A CG1 1 
ATOM   318 C  CG2 . VAL A 1 40 ? -0.588  1.454   -2.293  1.00 8.59  ?  268 VAL A CG2 1 
ATOM   319 N  N   . HIS A 1 41 ? -2.484  3.119   0.551   1.00 11.76 ?  269 HIS A N   1 
ATOM   320 C  CA  . HIS A 1 41 ? -3.939  3.174   0.440   1.00 7.57  ?  269 HIS A CA  1 
ATOM   321 C  C   . HIS A 1 41 ? -4.360  2.853   -0.988  1.00 9.92  ?  269 HIS A C   1 
ATOM   322 O  O   . HIS A 1 41 ? -3.627  3.124   -1.935  1.00 10.97 ?  269 HIS A O   1 
ATOM   323 C  CB  . HIS A 1 41 ? -4.471  4.568   0.815   1.00 10.11 ?  269 HIS A CB  1 
ATOM   324 C  CG  . HIS A 1 41 ? -4.279  4.933   2.256   1.00 16.06 ?  269 HIS A CG  1 
ATOM   325 N  ND1 . HIS A 1 41 ? -3.295  5.805   2.674   1.00 11.18 ?  269 HIS A ND1 1 
ATOM   326 C  CD2 . HIS A 1 41 ? -4.983  4.601   3.368   1.00 19.26 ?  269 HIS A CD2 1 
ATOM   327 C  CE1 . HIS A 1 41 ? -3.367  5.952   3.986   1.00 13.15 ?  269 HIS A CE1 1 
ATOM   328 N  NE2 . HIS A 1 41 ? -4.384  5.233   4.433   1.00 14.32 ?  269 HIS A NE2 1 
ATOM   329 N  N   . HIS A 1 42 ? -5.565  2.286   -1.141  1.00 11.12 ?  270 HIS A N   1 
ATOM   330 C  CA  . HIS A 1 42 ? -6.106  2.024   -2.478  1.00 11.98 ?  270 HIS A CA  1 
ATOM   331 C  C   . HIS A 1 42 ? -5.991  3.261   -3.376  1.00 11.73 ?  270 HIS A C   1 
ATOM   332 O  O   . HIS A 1 42 ? -5.521  3.173   -4.514  1.00 11.08 ?  270 HIS A O   1 
ATOM   333 C  CB  . HIS A 1 42 ? -7.577  1.574   -2.395  1.00 14.15 ?  270 HIS A CB  1 
ATOM   334 C  CG  . HIS A 1 42 ? -7.780  0.195   -1.835  1.00 14.61 ?  270 HIS A CG  1 
ATOM   335 N  ND1 . HIS A 1 42 ? -7.750  -0.067  -0.483  1.00 15.54 ?  270 HIS A ND1 1 
ATOM   336 C  CD2 . HIS A 1 42 ? -8.134  -0.972  -2.431  1.00 19.59 ?  270 HIS A CD2 1 
ATOM   337 C  CE1 . HIS A 1 42 ? -7.998  -1.350  -0.273  1.00 16.26 ?  270 HIS A CE1 1 
ATOM   338 N  NE2 . HIS A 1 42 ? -8.255  -1.918  -1.437  1.00 15.59 ?  270 HIS A NE2 1 
ATOM   339 N  N   . LYS A 1 43 ? -6.431  4.422   -2.887  1.00 14.66 ?  271 LYS A N   1 
ATOM   340 C  CA  . LYS A 1 43 ? -6.360  5.618   -3.731  1.00 16.19 ?  271 LYS A CA  1 
ATOM   341 C  C   . LYS A 1 43 ? -4.950  6.182   -3.861  1.00 14.88 ?  271 LYS A C   1 
ATOM   342 O  O   . LYS A 1 43 ? -4.668  6.917   -4.815  1.00 21.50 ?  271 LYS A O   1 
ATOM   343 C  CB  . LYS A 1 43 ? -7.308  6.704   -3.220  1.00 29.47 ?  271 LYS A CB  1 
ATOM   344 C  CG  . LYS A 1 43 ? -8.781  6.336   -3.310  1.00 23.63 ?  271 LYS A CG  1 
ATOM   345 C  CD  . LYS A 1 43 ? -9.635  7.416   -2.695  1.00 37.83 ?  271 LYS A CD  1 
ATOM   346 C  CE  . LYS A 1 43 ? -9.482  8.721   -3.490  1.00 35.48 ?  271 LYS A CE  1 
ATOM   347 N  NZ  . LYS A 1 43 ? -9.709  8.621   -4.975  1.00 32.75 ?  271 LYS A NZ  1 
ATOM   348 N  N   . CYS A 1 44 ? -4.040  5.833   -2.968  1.00 12.71 ?  272 CYS A N   1 
ATOM   349 C  CA  . CYS A 1 44 ? -2.674  6.285   -3.200  1.00 14.05 ?  272 CYS A CA  1 
ATOM   350 C  C   . CYS A 1 44 ? -1.940  5.485   -4.260  1.00 14.80 ?  272 CYS A C   1 
ATOM   351 O  O   . CYS A 1 44 ? -0.845  5.898   -4.673  1.00 15.92 ?  272 CYS A O   1 
ATOM   352 C  CB  . CYS A 1 44 ? -1.886  6.258   -1.896  1.00 10.98 ?  272 CYS A CB  1 
ATOM   353 S  SG  . CYS A 1 44 ? -2.532  7.418   -0.654  1.00 13.92 ?  272 CYS A SG  1 
ATOM   354 N  N   . ARG A 1 45 ? -2.494  4.356   -4.703  1.00 14.63 ?  273 ARG A N   1 
ATOM   355 C  CA  . ARG A 1 45 ? -1.752  3.495   -5.611  1.00 9.42  ?  273 ARG A CA  1 
ATOM   356 C  C   . ARG A 1 45 ? -1.372  4.223   -6.894  1.00 13.39 ?  273 ARG A C   1 
ATOM   357 O  O   . ARG A 1 45 ? -0.264  4.031   -7.404  1.00 15.07 ?  273 ARG A O   1 
ATOM   358 C  CB  . ARG A 1 45 ? -2.541  2.246   -5.989  1.00 19.75 ?  273 ARG A CB  1 
ATOM   359 C  CG  . ARG A 1 45 ? -1.634  1.406   -6.899  1.00 21.21 ?  273 ARG A CG  1 
ATOM   360 C  CD  . ARG A 1 45 ? -2.182  0.137   -7.419  1.00 26.51 ?  273 ARG A CD  1 
ATOM   361 N  NE  . ARG A 1 45 ? -3.339  0.397   -8.264  1.00 30.91 ?  273 ARG A NE  1 
ATOM   362 C  CZ  . ARG A 1 45 ? -3.259  0.786   -9.533  1.00 43.52 ?  273 ARG A CZ  1 
ATOM   363 N  NH1 . ARG A 1 45 ? -2.076  1.052   -10.086 1.00 37.99 ?  273 ARG A NH1 1 
ATOM   364 N  NH2 . ARG A 1 45 ? -4.372  0.967   -10.236 1.00 48.24 ?  273 ARG A NH2 1 
ATOM   365 N  N   . GLU A 1 46 ? -2.292  5.024   -7.458  1.00 13.20 ?  274 GLU A N   1 
ATOM   366 C  CA  . GLU A 1 46 ? -2.018  5.691   -8.737  1.00 17.35 ?  274 GLU A CA  1 
ATOM   367 C  C   . GLU A 1 46 ? -1.028  6.838   -8.608  1.00 18.86 ?  274 GLU A C   1 
ATOM   368 O  O   . GLU A 1 46 ? -0.511  7.302   -9.632  1.00 18.97 ?  274 GLU A O   1 
ATOM   369 C  CB  . GLU A 1 46 ? -3.291  6.257   -9.375  1.00 20.12 ?  274 GLU A CB  1 
ATOM   370 C  CG  . GLU A 1 46 ? -3.943  7.366   -8.552  1.00 26.16 ?  274 GLU A CG  1 
ATOM   371 C  CD  . GLU A 1 46 ? -5.306  7.822   -9.082  1.00 35.70 ?  274 GLU A CD  1 
ATOM   372 O  OE1 . GLU A 1 46 ? -6.253  7.005   -9.196  1.00 36.61 ?  274 GLU A OE1 1 
ATOM   373 O  OE2 . GLU A 1 46 ? -5.434  9.036   -9.343  1.00 40.13 ?  274 GLU A OE2 1 
ATOM   374 N  N   . LYS A 1 47 ? -0.778  7.310   -7.385  1.00 11.77 ?  275 LYS A N   1 
ATOM   375 C  CA  A LYS A 1 47 ? 0.098   8.440   -7.101  0.46 16.64 ?  275 LYS A CA  1 
ATOM   376 C  CA  B LYS A 1 47 ? 0.112   8.437   -7.163  0.54 16.63 ?  275 LYS A CA  1 
ATOM   377 C  C   . LYS A 1 47 ? 1.520   8.028   -6.742  1.00 14.65 ?  275 LYS A C   1 
ATOM   378 O  O   . LYS A 1 47 ? 2.431   8.866   -6.809  1.00 14.69 ?  275 LYS A O   1 
ATOM   379 C  CB  A LYS A 1 47 ? -0.462  9.260   -5.927  0.46 18.11 ?  275 LYS A CB  1 
ATOM   380 C  CB  B LYS A 1 47 ? -0.495  9.379   -6.110  0.54 18.23 ?  275 LYS A CB  1 
ATOM   381 C  CG  A LYS A 1 47 ? -1.850  9.823   -6.153  0.46 20.08 ?  275 LYS A CG  1 
ATOM   382 C  CG  B LYS A 1 47 ? -1.859  9.961   -6.512  0.54 20.78 ?  275 LYS A CG  1 
ATOM   383 C  CD  A LYS A 1 47 ? -1.819  10.941  -7.172  0.46 22.20 ?  275 LYS A CD  1 
ATOM   384 C  CD  B LYS A 1 47 ? -2.973  9.518   -5.578  0.54 16.14 ?  275 LYS A CD  1 
ATOM   385 C  CE  A LYS A 1 47 ? -3.007  11.859  -7.004  0.46 18.84 ?  275 LYS A CE  1 
ATOM   386 C  CE  B LYS A 1 47 ? -3.236  10.566  -4.496  0.54 18.20 ?  275 LYS A CE  1 
ATOM   387 N  NZ  A LYS A 1 47 ? -2.907  12.979  -7.971  0.46 22.59 ?  275 LYS A NZ  1 
ATOM   388 N  NZ  B LYS A 1 47 ? -4.373  10.189  -3.614  0.54 10.89 ?  275 LYS A NZ  1 
ATOM   389 N  N   . VAL A 1 48 ? 1.737   6.767   -6.344  1.00 18.85 ?  276 VAL A N   1 
ATOM   390 C  CA  . VAL A 1 48 ? 3.042   6.394   -5.808  1.00 15.99 ?  276 VAL A CA  1 
ATOM   391 C  C   . VAL A 1 48 ? 4.087   6.438   -6.903  1.00 24.00 ?  276 VAL A C   1 
ATOM   392 O  O   . VAL A 1 48 ? 3.792   6.251   -8.100  1.00 13.78 ?  276 VAL A O   1 
ATOM   393 C  CB  . VAL A 1 48 ? 3.034   5.003   -5.147  1.00 19.74 ?  276 VAL A CB  1 
ATOM   394 C  CG1 . VAL A 1 48 ? 2.200   5.037   -3.915  1.00 24.64 ?  276 VAL A CG1 1 
ATOM   395 C  CG2 . VAL A 1 48 ? 2.533   3.971   -6.099  1.00 18.60 ?  276 VAL A CG2 1 
ATOM   396 N  N   . ALA A 1 49 ? 5.319   6.721   -6.485  1.00 17.68 ?  277 ALA A N   1 
ATOM   397 C  CA  . ALA A 1 49 ? 6.475   6.501   -7.333  1.00 21.14 ?  277 ALA A CA  1 
ATOM   398 C  C   . ALA A 1 49 ? 6.487   5.048   -7.758  1.00 20.06 ?  277 ALA A C   1 
ATOM   399 O  O   . ALA A 1 49 ? 6.441   4.159   -6.908  1.00 18.14 ?  277 ALA A O   1 
ATOM   400 C  CB  . ALA A 1 49 ? 7.753   6.856   -6.570  1.00 26.01 ?  277 ALA A CB  1 
ATOM   401 N  N   . ASN A 1 50 ? 6.513   4.819   -9.067  1.00 16.69 ?  278 ASN A N   1 
ATOM   402 C  CA  . ASN A 1 50 ? 6.371   3.498   -9.680  1.00 25.23 ?  278 ASN A CA  1 
ATOM   403 C  C   . ASN A 1 50 ? 7.689   2.914   -10.160 1.00 18.11 ?  278 ASN A C   1 
ATOM   404 O  O   . ASN A 1 50 ? 7.727   2.357   -11.250 1.00 15.49 ?  278 ASN A O   1 
ATOM   405 C  CB  . ASN A 1 50 ? 5.386   3.551   -10.849 1.00 28.50 ?  278 ASN A CB  1 
ATOM   406 C  CG  . ASN A 1 50 ? 4.616   2.237   -11.031 1.00 22.37 ?  278 ASN A CG  1 
ATOM   407 O  OD1 . ASN A 1 50 ? 4.592   1.390   -10.137 1.00 17.92 ?  278 ASN A OD1 1 
ATOM   408 N  ND2 . ASN A 1 50 ? 3.968   2.081   -12.186 1.00 25.22 ?  278 ASN A ND2 1 
ATOM   409 N  N   . LEU A 1 51 ? 8.766   3.048   -9.394  1.00 22.11 ?  279 LEU A N   1 
ATOM   410 C  CA  . LEU A 1 51 ? 10.017  2.338   -9.636  1.00 20.65 ?  279 LEU A CA  1 
ATOM   411 C  C   . LEU A 1 51 ? 10.164  1.347   -8.481  1.00 14.81 ?  279 LEU A C   1 
ATOM   412 O  O   . LEU A 1 51 ? 10.539  1.716   -7.367  1.00 16.10 ?  279 LEU A O   1 
ATOM   413 C  CB  . LEU A 1 51 ? 11.209  3.290   -9.712  1.00 23.47 ?  279 LEU A CB  1 
ATOM   414 C  CG  . LEU A 1 51 ? 11.412  4.089   -10.998 1.00 23.12 ?  279 LEU A CG  1 
ATOM   415 C  CD1 . LEU A 1 51 ? 12.683  4.929   -10.944 1.00 26.53 ?  279 LEU A CD1 1 
ATOM   416 C  CD2 . LEU A 1 51 ? 11.368  3.213   -12.232 1.00 24.11 ?  279 LEU A CD2 1 
ATOM   417 N  N   . CYS A 1 52 ? 9.860   0.091   -8.744  1.00 12.68 ?  280 CYS A N   1 
ATOM   418 C  CA  . CYS A 1 52 ? 9.912   -0.923  -7.729  1.00 14.28 ?  280 CYS A CA  1 
ATOM   419 C  C   . CYS A 1 52 ? 11.298  -1.550  -7.661  1.00 18.46 ?  280 CYS A C   1 
ATOM   420 O  O   . CYS A 1 52 ? 11.724  -2.164  -8.631  1.00 24.50 ?  280 CYS A O   1 
ATOM   421 C  CB  . CYS A 1 52 ? 8.871   -1.987  -8.037  1.00 17.57 ?  280 CYS A CB  1 
ATOM   422 S  SG  . CYS A 1 52 ? 8.797   -3.313  -6.875  1.00 12.39 ?  280 CYS A SG  1 
HETATM 423 ZN ZN  . ZN  B 2 .  ? 7.216   -2.497  -5.434  1.00 12.87 ?  301 ZN  A ZN  1 
HETATM 424 ZN ZN  . ZN  C 2 .  ? -1.841  6.791   1.460   1.00 11.70 ?  302 ZN  A ZN  1 
HETATM 425 C  C   . WUD D 3 .  ? -11.784 -0.097  11.810  1.00 30.66 ?  303 WUD A C   1 
HETATM 426 O  O   . WUD D 3 .  ? -8.909  0.582   11.991  1.00 18.12 ?  303 WUD A O   1 
HETATM 427 C  C1  . WUD D 3 .  ? -11.439 -0.338  13.262  1.00 27.77 ?  303 WUD A C1  1 
HETATM 428 C  C10 . WUD D 3 .  ? -5.060  -0.994  11.887  1.00 13.25 ?  303 WUD A C10 1 
HETATM 429 C  C11 . WUD D 3 .  ? -4.335  -2.116  11.183  1.00 13.73 ?  303 WUD A C11 1 
HETATM 430 C  C12 . WUD D 3 .  ? -4.173  -3.387  11.621  1.00 15.82 ?  303 WUD A C12 1 
HETATM 431 C  C13 . WUD D 3 .  ? -4.803  -3.781  12.923  1.00 16.43 ?  303 WUD A C13 1 
HETATM 432 C  C14 . WUD D 3 .  ? -4.294  -2.786  13.917  1.00 22.00 ?  303 WUD A C14 1 
HETATM 433 C  C15 . WUD D 3 .  ? -4.631  -5.192  13.484  1.00 23.75 ?  303 WUD A C15 1 
HETATM 434 C  C16 . WUD D 3 .  ? -5.664  -5.251  14.632  1.00 24.51 ?  303 WUD A C16 1 
HETATM 435 C  C17 . WUD D 3 .  ? -5.834  -6.134  13.386  1.00 18.08 ?  303 WUD A C17 1 
HETATM 436 C  C18 . WUD D 3 .  ? -6.843  -5.749  12.297  1.00 18.19 ?  303 WUD A C18 1 
HETATM 437 C  C19 . WUD D 3 .  ? -5.530  -7.609  13.588  1.00 23.02 ?  303 WUD A C19 1 
HETATM 438 C  C2  . WUD D 3 .  ? -10.211 -0.194  13.817  1.00 22.59 ?  303 WUD A C2  1 
HETATM 439 C  C20 . WUD D 3 .  ? -6.724  -4.126  14.670  1.00 17.39 ?  303 WUD A C20 1 
HETATM 440 C  C21 . WUD D 3 .  ? -6.326  -2.728  15.213  1.00 14.20 ?  303 WUD A C21 1 
HETATM 441 C  C22 . WUD D 3 .  ? -5.707  -2.850  16.607  1.00 16.91 ?  303 WUD A C22 1 
HETATM 442 C  C23 . WUD D 3 .  ? -3.692  -1.732  9.863   1.00 13.47 ?  303 WUD A C23 1 
HETATM 443 C  C24 . WUD D 3 .  ? -5.555  1.832   15.167  1.00 13.04 ?  303 WUD A C24 1 
HETATM 444 C  C3  . WUD D 3 .  ? -10.006 -0.474  15.268  1.00 28.32 ?  303 WUD A C3  1 
HETATM 445 C  C4  . WUD D 3 .  ? -8.988  0.194   13.148  1.00 21.78 ?  303 WUD A C4  1 
HETATM 446 C  C5  . WUD D 3 .  ? -6.531  0.108   13.461  1.00 19.92 ?  303 WUD A C5  1 
HETATM 447 C  C6  . WUD D 3 .  ? -5.639  0.431   14.614  1.00 19.31 ?  303 WUD A C6  1 
HETATM 448 C  C7  . WUD D 3 .  ? -4.960  -0.631  15.071  1.00 16.63 ?  303 WUD A C7  1 
HETATM 449 C  C8  . WUD D 3 .  ? -5.397  -1.871  14.316  1.00 19.43 ?  303 WUD A C8  1 
HETATM 450 C  C9  . WUD D 3 .  ? -6.035  -1.272  13.047  1.00 18.98 ?  303 WUD A C9  1 
HETATM 451 O  O1  . WUD D 3 .  ? -7.831  0.035   14.006  1.00 20.42 ?  303 WUD A O1  1 
HETATM 452 O  O2  . WUD D 3 .  ? -3.122  -2.744  14.314  1.00 18.95 ?  303 WUD A O2  1 
HETATM 453 O  O3  . WUD D 3 .  ? -2.761  -0.668  10.075  1.00 11.91 ?  303 WUD A O3  1 
HETATM 454 O  O4  . WUD D 3 .  ? -5.844  -0.355  10.886  1.00 12.94 ?  303 WUD A O4  1 
HETATM 455 O  O5  . WUD D 3 .  ? -7.193  -1.965  12.567  1.00 16.38 ?  303 WUD A O5  1 
HETATM 456 O  O1  . XP5 E 4 .  ? 3.015   -9.700  5.483   1.00 50.10 ?  304 XP5 A O1  1 
HETATM 457 O  O2  . XP5 E 4 .  ? 4.731   -10.721 6.856   1.00 50.72 -1 304 XP5 A O2  1 
HETATM 458 P  P1  . XP5 E 4 .  ? 4.270   -9.431  6.241   1.00 65.00 ?  304 XP5 A P1  1 
HETATM 459 O  O3  . XP5 E 4 .  ? 5.400   -8.818  5.235   1.00 50.38 ?  304 XP5 A O3  1 
HETATM 460 C  C1  . XP5 E 4 .  ? 5.351   -7.496  4.797   1.00 39.67 ?  304 XP5 A C1  1 
HETATM 461 C  C2  . XP5 E 4 .  ? 5.551   -7.419  3.286   1.00 34.69 ?  304 XP5 A C2  1 
HETATM 462 N  N1  . XP5 E 4 .  ? 6.332   -8.495  2.720   1.00 50.48 ?  304 XP5 A N1  1 
HETATM 463 C  C3  . XP5 E 4 .  ? 6.656   -8.223  1.338   1.00 30.53 ?  304 XP5 A C3  1 
HETATM 464 C  C4  . XP5 E 4 .  ? 7.594   -8.614  3.437   1.00 52.56 ?  304 XP5 A C4  1 
HETATM 465 C  C5  . XP5 E 4 .  ? 5.571   -9.729  2.705   1.00 47.55 ?  304 XP5 A C5  1 
HETATM 466 O  O4  . XP5 E 4 .  ? 3.994   -8.342  7.431   1.00 54.70 ?  304 XP5 A O4  1 
HETATM 467 C  C6  . XP5 E 4 .  ? 3.601   -8.756  8.700   1.00 34.44 ?  304 XP5 A C6  1 
HETATM 468 C  C8  . XP5 E 4 .  ? 2.088   -10.419 9.750   1.00 32.84 ?  304 XP5 A C8  1 
HETATM 469 O  O5  . XP5 E 4 .  ? 1.530   -9.580  10.690  1.00 47.14 ?  304 XP5 A O5  1 
HETATM 470 C  C9  . XP5 E 4 .  ? 2.253   -9.397  11.861  1.00 39.36 ?  304 XP5 A C9  1 
HETATM 471 O  O6  . XP5 E 4 .  ? 1.746   -9.645  12.892  1.00 45.40 ?  304 XP5 A O6  1 
HETATM 472 C  C10 . XP5 E 4 .  ? 3.668   -8.831  11.819  1.00 46.00 ?  304 XP5 A C10 1 
HETATM 473 C  C11 . XP5 E 4 .  ? 4.755   -9.661  11.139  1.00 41.67 ?  304 XP5 A C11 1 
HETATM 474 C  C12 . XP5 E 4 .  ? 6.128   -9.160  11.546  1.00 39.41 ?  304 XP5 A C12 1 
HETATM 475 C  C13 . XP5 E 4 .  ? 7.220   -10.223 11.462  1.00 30.89 ?  304 XP5 A C13 1 
HETATM 476 C  C14 . XP5 E 4 .  ? 7.381   -11.043 12.741  1.00 36.96 ?  304 XP5 A C14 1 
HETATM 477 C  C15 . XP5 E 4 .  ? 7.053   -10.252 14.012  1.00 37.16 ?  304 XP5 A C15 1 
HETATM 478 O  O7  . XP5 E 4 .  ? 0.553   -7.220  9.242   1.00 24.83 ?  304 XP5 A O7  1 
HETATM 479 C  C17 . XP5 E 4 .  ? 0.376   -8.227  8.658   1.00 27.98 ?  304 XP5 A C17 1 
HETATM 480 O  O8  . XP5 E 4 .  ? 1.369   -8.858  7.933   1.00 50.88 ?  304 XP5 A O8  1 
HETATM 481 C  C18 . XP5 E 4 .  ? -0.998  -8.864  8.599   1.00 34.33 ?  304 XP5 A C18 1 
HETATM 482 C  C19 . XP5 E 4 .  ? -1.135  -9.997  7.589   1.00 28.02 ?  304 XP5 A C19 1 
HETATM 483 C  C20 . XP5 E 4 .  ? -2.221  -10.974 8.040   1.00 33.48 ?  304 XP5 A C20 1 
HETATM 484 C  C21 . XP5 E 4 .  ? -3.635  -10.427 8.021   1.00 23.22 ?  304 XP5 A C21 1 
HETATM 485 C  C22 . XP5 E 4 .  ? -4.677  -11.310 8.709   1.00 33.55 ?  304 XP5 A C22 1 
HETATM 486 C  C23 . XP5 E 4 .  ? -6.019  -10.612 8.909   1.00 26.48 ?  304 XP5 A C23 1 
HETATM 487 C  CAM . XP5 E 4 .  ? 2.392   -9.640  8.486   1.00 41.55 ?  304 XP5 A CAM 1 
HETATM 488 O  O   . HOH F 5 .  ? 3.104   -2.615  12.238  1.00 33.68 ?  401 HOH A O   1 
HETATM 489 O  O   . HOH F 5 .  ? 4.126   0.930   5.473   1.00 13.91 ?  402 HOH A O   1 
HETATM 490 O  O   . HOH F 5 .  ? 7.889   3.781   -5.030  1.00 30.07 ?  403 HOH A O   1 
HETATM 491 O  O   . HOH F 5 .  ? 12.761  1.545   -6.402  1.00 31.42 ?  404 HOH A O   1 
HETATM 492 O  O   . HOH F 5 .  ? 8.004   -10.407 -11.261 0.50 39.99 ?  405 HOH A O   1 
HETATM 493 O  O   . HOH F 5 .  ? 2.201   4.637   -9.114  1.00 27.62 ?  406 HOH A O   1 
HETATM 494 O  O   . HOH F 5 .  ? 3.350   -12.797 -2.124  1.00 29.09 ?  407 HOH A O   1 
HETATM 495 O  O   . HOH F 5 .  ? 10.887  -4.401  -9.579  1.00 30.16 ?  408 HOH A O   1 
HETATM 496 O  O   . HOH F 5 .  ? -10.038 -9.802  3.507   1.00 30.58 ?  409 HOH A O   1 
HETATM 497 O  O   . HOH F 5 .  ? 7.669   -11.130 -6.292  1.00 17.55 ?  410 HOH A O   1 
HETATM 498 O  O   . HOH F 5 .  ? 9.523   4.029   -6.657  1.00 21.62 ?  411 HOH A O   1 
HETATM 499 O  O   . HOH F 5 .  ? 2.866   -10.425 0.164   1.00 26.27 ?  412 HOH A O   1 
HETATM 500 O  O   . HOH F 5 .  ? -5.893  -9.493  -2.654  1.00 16.92 ?  413 HOH A O   1 
HETATM 501 O  O   . HOH F 5 .  ? -7.947  1.742   4.579   1.00 23.39 ?  414 HOH A O   1 
HETATM 502 O  O   . HOH F 5 .  ? 2.603   -4.123  8.372   1.00 20.08 ?  415 HOH A O   1 
HETATM 503 O  O   . HOH F 5 .  ? 5.245   7.547   -3.259  1.00 17.56 ?  416 HOH A O   1 
HETATM 504 O  O   . HOH F 5 .  ? 2.063   -2.864  -12.474 0.50 17.83 ?  417 HOH A O   1 
HETATM 505 O  O   . HOH F 5 .  ? -6.576  -8.027  8.726   1.00 18.65 ?  418 HOH A O   1 
HETATM 506 O  O   . HOH F 5 .  ? 4.940   -8.427  -0.781  1.00 20.32 ?  419 HOH A O   1 
HETATM 507 O  O   . HOH F 5 .  ? 3.350   -5.966  6.239   1.00 23.27 ?  420 HOH A O   1 
HETATM 508 O  O   . HOH F 5 .  ? -4.976  4.507   -7.037  1.00 27.11 ?  421 HOH A O   1 
HETATM 509 O  O   . HOH F 5 .  ? 7.965   -5.168  -9.955  1.00 10.92 ?  422 HOH A O   1 
HETATM 510 O  O   . HOH F 5 .  ? -5.526  8.868   9.087   1.00 31.37 ?  423 HOH A O   1 
HETATM 511 O  O   . HOH F 5 .  ? -7.028  1.884   1.402   1.00 14.70 ?  424 HOH A O   1 
HETATM 512 O  O   . HOH F 5 .  ? -7.211  4.040   5.714   1.00 21.88 ?  425 HOH A O   1 
HETATM 513 O  O   . HOH F 5 .  ? 5.600   -13.195 -6.645  1.00 30.73 ?  426 HOH A O   1 
HETATM 514 O  O   . HOH F 5 .  ? 0.454   -2.459  -9.320  1.00 13.92 ?  427 HOH A O   1 
HETATM 515 O  O   . HOH F 5 .  ? -2.892  -7.862  -7.582  1.00 15.05 ?  428 HOH A O   1 
HETATM 516 O  O   . HOH F 5 .  ? -6.321  1.133   -6.371  1.00 31.57 ?  429 HOH A O   1 
HETATM 517 O  O   . HOH F 5 .  ? 1.848   8.435   -10.836 1.00 23.84 ?  430 HOH A O   1 
HETATM 518 O  O   . HOH F 5 .  ? -3.443  8.300   10.080  1.00 19.49 ?  431 HOH A O   1 
HETATM 519 O  O   . HOH F 5 .  ? -12.836 -2.562  8.122   1.00 25.05 ?  432 HOH A O   1 
HETATM 520 O  O   . HOH F 5 .  ? -7.861  4.776   -0.307  1.00 13.50 ?  433 HOH A O   1 
HETATM 521 O  O   . HOH F 5 .  ? 4.235   0.854   8.408   1.00 15.05 ?  434 HOH A O   1 
HETATM 522 O  O   . HOH F 5 .  ? -0.419  5.905   -12.294 1.00 29.02 ?  435 HOH A O   1 
HETATM 523 O  O   . HOH F 5 .  ? -4.693  15.031  -9.286  1.00 15.53 ?  436 HOH A O   1 
HETATM 524 O  O   . HOH F 5 .  ? 5.142   5.960   5.801   1.00 17.85 ?  437 HOH A O   1 
HETATM 525 O  O   . HOH F 5 .  ? -8.890  -9.748  0.792   1.00 24.51 ?  438 HOH A O   1 
HETATM 526 O  O   . HOH F 5 .  ? 1.794   1.702   -8.836  1.00 21.03 ?  439 HOH A O   1 
HETATM 527 O  O   . HOH F 5 .  ? 9.237   1.459   -14.603 1.00 19.12 ?  440 HOH A O   1 
HETATM 528 O  O   . HOH F 5 .  ? -5.523  -8.105  -5.535  1.00 14.63 ?  441 HOH A O   1 
HETATM 529 O  O   . HOH F 5 .  ? 10.090  2.024   -3.871  1.00 33.85 ?  442 HOH A O   1 
HETATM 530 O  O   . HOH F 5 .  ? -11.496 -0.793  2.125   1.00 28.40 ?  443 HOH A O   1 
HETATM 531 O  O   . HOH F 5 .  ? -3.466  14.162  -4.649  1.00 26.87 ?  444 HOH A O   1 
HETATM 532 O  O   . HOH F 5 .  ? -3.981  11.537  -0.236  1.00 24.88 ?  445 HOH A O   1 
HETATM 533 O  O   . HOH F 5 .  ? 9.083   -0.294  -0.380  1.00 26.09 ?  446 HOH A O   1 
HETATM 534 O  O   . HOH F 5 .  ? -6.233  2.993   -12.760 1.00 36.32 ?  447 HOH A O   1 
HETATM 535 O  O   . HOH F 5 .  ? 10.611  -0.235  -4.127  1.00 26.60 ?  448 HOH A O   1 
HETATM 536 O  O   . HOH F 5 .  ? 12.722  -2.428  -1.317  1.00 32.62 ?  449 HOH A O   1 
HETATM 537 O  O   . HOH F 5 .  ? 5.086   -0.742  14.962  1.00 38.09 ?  450 HOH A O   1 
HETATM 538 O  O   . HOH F 5 .  ? -11.499 3.500   4.807   1.00 37.97 ?  451 HOH A O   1 
HETATM 539 O  O   . HOH F 5 .  ? 2.868   -6.084  16.971  0.50 47.74 ?  452 HOH A O   1 
HETATM 540 O  O   . HOH F 5 .  ? 0.611   -15.188 11.496  1.00 36.27 ?  453 HOH A O   1 
# 
loop_
_pdbx_poly_seq_scheme.asym_id 
_pdbx_poly_seq_scheme.entity_id 
_pdbx_poly_seq_scheme.seq_id 
_pdbx_poly_seq_scheme.mon_id 
_pdbx_poly_seq_scheme.ndb_seq_num 
_pdbx_poly_seq_scheme.pdb_seq_num 
_pdbx_poly_seq_scheme.auth_seq_num 
_pdbx_poly_seq_scheme.pdb_mon_id 
_pdbx_poly_seq_scheme.auth_mon_id 
_pdbx_poly_seq_scheme.pdb_strand_id 
_pdbx_poly_seq_scheme.pdb_ins_code 
_pdbx_poly_seq_scheme.hetero 
A 1 1  MET 1  229 229 MET MET A . n 
A 1 2  PRO 2  230 230 PRO PRO A . n 
A 1 3  HIS 3  231 231 HIS HIS A . n 
A 1 4  ARG 4  232 232 ARG ARG A . n 
A 1 5  PHE 5  233 233 PHE PHE A . n 
A 1 6  LYS 6  234 234 LYS LYS A . n 
A 1 7  VAL 7  235 235 VAL VAL A . n 
A 1 8  TYR 8  236 236 TYR TYR A . n 
A 1 9  ASN 9  237 237 ASN ASN A . n 
A 1 10 TYR 10 238 238 TYR TYR A . n 
A 1 11 MET 11 239 239 MET MET A . n 
A 1 12 SER 12 240 240 SER SER A . n 
A 1 13 PRO 13 241 241 PRO PRO A . n 
A 1 14 THR 14 242 242 THR THR A . n 
A 1 15 PHE 15 243 243 PHE PHE A . n 
A 1 16 CYS 16 244 244 CYS CYS A . n 
A 1 17 ASP 17 245 245 ASP ASP A . n 
A 1 18 HIS 18 246 246 HIS HIS A . n 
A 1 19 CYS 19 247 247 CYS CYS A . n 
A 1 20 GLY 20 248 248 GLY GLY A . n 
A 1 21 SER 21 249 249 SER SER A . n 
A 1 22 LEU 22 250 250 LEU LEU A . n 
A 1 23 LEU 23 251 251 LEU LEU A . n 
A 1 24 TRP 24 252 252 TRP TRP A . n 
A 1 25 GLY 25 253 253 GLY GLY A . n 
A 1 26 LEU 26 254 254 LEU LEU A . n 
A 1 27 VAL 27 255 255 VAL VAL A . n 
A 1 28 LYS 28 256 256 LYS LYS A . n 
A 1 29 GLN 29 257 257 GLN GLN A . n 
A 1 30 GLY 30 258 258 GLY GLY A . n 
A 1 31 LEU 31 259 259 LEU LEU A . n 
A 1 32 LYS 32 260 260 LYS LYS A . n 
A 1 33 CYS 33 261 261 CYS CYS A . n 
A 1 34 GLU 34 262 262 GLU GLU A . n 
A 1 35 ASP 35 263 263 ASP ASP A . n 
A 1 36 CYS 36 264 264 CYS CYS A . n 
A 1 37 GLY 37 265 265 GLY GLY A . n 
A 1 38 MET 38 266 266 MET MET A . n 
A 1 39 ASN 39 267 267 ASN ASN A . n 
A 1 40 VAL 40 268 268 VAL VAL A . n 
A 1 41 HIS 41 269 269 HIS HIS A . n 
A 1 42 HIS 42 270 270 HIS HIS A . n 
A 1 43 LYS 43 271 271 LYS LYS A . n 
A 1 44 CYS 44 272 272 CYS CYS A . n 
A 1 45 ARG 45 273 273 ARG ARG A . n 
A 1 46 GLU 46 274 274 GLU GLU A . n 
A 1 47 LYS 47 275 275 LYS LYS A . n 
A 1 48 VAL 48 276 276 VAL VAL A . n 
A 1 49 ALA 49 277 277 ALA ALA A . n 
A 1 50 ASN 50 278 278 ASN ASN A . n 
A 1 51 LEU 51 279 279 LEU LEU A . n 
A 1 52 CYS 52 280 280 CYS CYS A . n 
A 1 53 GLY 53 281 ?   ?   ?   A . n 
# 
loop_
_pdbx_nonpoly_scheme.asym_id 
_pdbx_nonpoly_scheme.entity_id 
_pdbx_nonpoly_scheme.mon_id 
_pdbx_nonpoly_scheme.ndb_seq_num 
_pdbx_nonpoly_scheme.pdb_seq_num 
_pdbx_nonpoly_scheme.auth_seq_num 
_pdbx_nonpoly_scheme.pdb_mon_id 
_pdbx_nonpoly_scheme.auth_mon_id 
_pdbx_nonpoly_scheme.pdb_strand_id 
_pdbx_nonpoly_scheme.pdb_ins_code 
B 2 ZN  1  301 1  ZN  ZN  A . 
C 2 ZN  1  302 2  ZN  ZN  A . 
D 3 WUD 1  303 1  WUD ing A . 
E 4 XP5 1  304 1  XP5 LIG A . 
F 5 HOH 1  401 56 HOH HOH A . 
F 5 HOH 2  402 1  HOH HOH A . 
F 5 HOH 3  403 59 HOH HOH A . 
F 5 HOH 4  404 60 HOH HOH A . 
F 5 HOH 5  405 36 HOH HOH A . 
F 5 HOH 6  406 49 HOH HOH A . 
F 5 HOH 7  407 52 HOH HOH A . 
F 5 HOH 8  408 3  HOH HOH A . 
F 5 HOH 9  409 57 HOH HOH A . 
F 5 HOH 10 410 10 HOH HOH A . 
F 5 HOH 11 411 13 HOH HOH A . 
F 5 HOH 12 412 27 HOH HOH A . 
F 5 HOH 13 413 9  HOH HOH A . 
F 5 HOH 14 414 28 HOH HOH A . 
F 5 HOH 15 415 18 HOH HOH A . 
F 5 HOH 16 416 15 HOH HOH A . 
F 5 HOH 17 417 12 HOH HOH A . 
F 5 HOH 18 418 11 HOH HOH A . 
F 5 HOH 19 419 4  HOH HOH A . 
F 5 HOH 20 420 35 HOH HOH A . 
F 5 HOH 21 421 48 HOH HOH A . 
F 5 HOH 22 422 6  HOH HOH A . 
F 5 HOH 23 423 58 HOH HOH A . 
F 5 HOH 24 424 17 HOH HOH A . 
F 5 HOH 25 425 2  HOH HOH A . 
F 5 HOH 26 426 53 HOH HOH A . 
F 5 HOH 27 427 8  HOH HOH A . 
F 5 HOH 28 428 23 HOH HOH A . 
F 5 HOH 29 429 51 HOH HOH A . 
F 5 HOH 30 430 14 HOH HOH A . 
F 5 HOH 31 431 21 HOH HOH A . 
F 5 HOH 32 432 5  HOH HOH A . 
F 5 HOH 33 433 37 HOH HOH A . 
F 5 HOH 34 434 19 HOH HOH A . 
F 5 HOH 35 435 54 HOH HOH A . 
F 5 HOH 36 436 26 HOH HOH A . 
F 5 HOH 37 437 29 HOH HOH A . 
F 5 HOH 38 438 20 HOH HOH A . 
F 5 HOH 39 439 24 HOH HOH A . 
F 5 HOH 40 440 25 HOH HOH A . 
F 5 HOH 41 441 7  HOH HOH A . 
F 5 HOH 42 442 61 HOH HOH A . 
F 5 HOH 43 443 40 HOH HOH A . 
F 5 HOH 44 444 55 HOH HOH A . 
F 5 HOH 45 445 31 HOH HOH A . 
F 5 HOH 46 446 32 HOH HOH A . 
F 5 HOH 47 447 50 HOH HOH A . 
F 5 HOH 48 448 47 HOH HOH A . 
F 5 HOH 49 449 33 HOH HOH A . 
F 5 HOH 50 450 44 HOH HOH A . 
F 5 HOH 51 451 39 HOH HOH A . 
F 5 HOH 52 452 42 HOH HOH A . 
F 5 HOH 53 453 43 HOH HOH A . 
# 
_pdbx_struct_assembly.id                   1 
_pdbx_struct_assembly.details              author_defined_assembly 
_pdbx_struct_assembly.method_details       ? 
_pdbx_struct_assembly.oligomeric_details   monomeric 
_pdbx_struct_assembly.oligomeric_count     1 
# 
_pdbx_struct_assembly_gen.assembly_id       1 
_pdbx_struct_assembly_gen.oper_expression   1 
_pdbx_struct_assembly_gen.asym_id_list      A,B,C,D,E,F 
# 
loop_
_pdbx_struct_assembly_prop.biol_id 
_pdbx_struct_assembly_prop.type 
_pdbx_struct_assembly_prop.value 
_pdbx_struct_assembly_prop.details 
1 'ABSA (A^2)' 0    ? 
1 MORE         0    ? 
1 'SSA (A^2)'  4220 ? 
# 
_pdbx_struct_oper_list.id                   1 
_pdbx_struct_oper_list.type                 'identity operation' 
_pdbx_struct_oper_list.name                 1_555 
_pdbx_struct_oper_list.symmetry_operation   x,y,z 
_pdbx_struct_oper_list.matrix[1][1]         1.0000000000 
_pdbx_struct_oper_list.matrix[1][2]         0.0000000000 
_pdbx_struct_oper_list.matrix[1][3]         0.0000000000 
_pdbx_struct_oper_list.vector[1]            0.0000000000 
_pdbx_struct_oper_list.matrix[2][1]         0.0000000000 
_pdbx_struct_oper_list.matrix[2][2]         1.0000000000 
_pdbx_struct_oper_list.matrix[2][3]         0.0000000000 
_pdbx_struct_oper_list.vector[2]            0.0000000000 
_pdbx_struct_oper_list.matrix[3][1]         0.0000000000 
_pdbx_struct_oper_list.matrix[3][2]         0.0000000000 
_pdbx_struct_oper_list.matrix[3][3]         1.0000000000 
_pdbx_struct_oper_list.vector[3]            0.0000000000 
# 
loop_
_pdbx_struct_special_symmetry.id 
_pdbx_struct_special_symmetry.PDB_model_num 
_pdbx_struct_special_symmetry.auth_asym_id 
_pdbx_struct_special_symmetry.auth_comp_id 
_pdbx_struct_special_symmetry.auth_seq_id 
_pdbx_struct_special_symmetry.PDB_ins_code 
_pdbx_struct_special_symmetry.label_asym_id 
_pdbx_struct_special_symmetry.label_comp_id 
_pdbx_struct_special_symmetry.label_seq_id 
1 1 A HOH 405 ? F HOH . 
2 1 A HOH 417 ? F HOH . 
3 1 A HOH 452 ? F HOH . 
# 
loop_
_pdbx_struct_conn_angle.id 
_pdbx_struct_conn_angle.ptnr1_label_atom_id 
_pdbx_struct_conn_angle.ptnr1_label_alt_id 
_pdbx_struct_conn_angle.ptnr1_label_asym_id 
_pdbx_struct_conn_angle.ptnr1_label_comp_id 
_pdbx_struct_conn_angle.ptnr1_label_seq_id 
_pdbx_struct_conn_angle.ptnr1_auth_atom_id 
_pdbx_struct_conn_angle.ptnr1_auth_asym_id 
_pdbx_struct_conn_angle.ptnr1_auth_comp_id 
_pdbx_struct_conn_angle.ptnr1_auth_seq_id 
_pdbx_struct_conn_angle.ptnr1_PDB_ins_code 
_pdbx_struct_conn_angle.ptnr1_symmetry 
_pdbx_struct_conn_angle.ptnr2_label_atom_id 
_pdbx_struct_conn_angle.ptnr2_label_alt_id 
_pdbx_struct_conn_angle.ptnr2_label_asym_id 
_pdbx_struct_conn_angle.ptnr2_label_comp_id 
_pdbx_struct_conn_angle.ptnr2_label_seq_id 
_pdbx_struct_conn_angle.ptnr2_auth_atom_id 
_pdbx_struct_conn_angle.ptnr2_auth_asym_id 
_pdbx_struct_conn_angle.ptnr2_auth_comp_id 
_pdbx_struct_conn_angle.ptnr2_auth_seq_id 
_pdbx_struct_conn_angle.ptnr2_PDB_ins_code 
_pdbx_struct_conn_angle.ptnr2_symmetry 
_pdbx_struct_conn_angle.ptnr3_label_atom_id 
_pdbx_struct_conn_angle.ptnr3_label_alt_id 
_pdbx_struct_conn_angle.ptnr3_label_asym_id 
_pdbx_struct_conn_angle.ptnr3_label_comp_id 
_pdbx_struct_conn_angle.ptnr3_label_seq_id 
_pdbx_struct_conn_angle.ptnr3_auth_atom_id 
_pdbx_struct_conn_angle.ptnr3_auth_asym_id 
_pdbx_struct_conn_angle.ptnr3_auth_comp_id 
_pdbx_struct_conn_angle.ptnr3_auth_seq_id 
_pdbx_struct_conn_angle.ptnr3_PDB_ins_code 
_pdbx_struct_conn_angle.ptnr3_symmetry 
_pdbx_struct_conn_angle.value 
_pdbx_struct_conn_angle.value_esd 
1  ND1 ? A HIS 3  ? A HIS 231 ? 1_555 ZN ? B ZN . ? A ZN 301 ? 1_555 SG  ? A CYS 33 ? A CYS 261 ? 1_555 108.1 ? 
2  ND1 ? A HIS 3  ? A HIS 231 ? 1_555 ZN ? B ZN . ? A ZN 301 ? 1_555 SG  ? A CYS 36 ? A CYS 264 ? 1_555 106.3 ? 
3  SG  ? A CYS 33 ? A CYS 261 ? 1_555 ZN ? B ZN . ? A ZN 301 ? 1_555 SG  ? A CYS 36 ? A CYS 264 ? 1_555 108.1 ? 
4  ND1 ? A HIS 3  ? A HIS 231 ? 1_555 ZN ? B ZN . ? A ZN 301 ? 1_555 SG  ? A CYS 52 ? A CYS 280 ? 1_555 113.8 ? 
5  SG  ? A CYS 33 ? A CYS 261 ? 1_555 ZN ? B ZN . ? A ZN 301 ? 1_555 SG  ? A CYS 52 ? A CYS 280 ? 1_555 108.1 ? 
6  SG  ? A CYS 36 ? A CYS 264 ? 1_555 ZN ? B ZN . ? A ZN 301 ? 1_555 SG  ? A CYS 52 ? A CYS 280 ? 1_555 112.2 ? 
7  SG  ? A CYS 16 ? A CYS 244 ? 1_555 ZN ? C ZN . ? A ZN 302 ? 1_555 SG  ? A CYS 19 ? A CYS 247 ? 1_555 110.8 ? 
8  SG  ? A CYS 16 ? A CYS 244 ? 1_555 ZN ? C ZN . ? A ZN 302 ? 1_555 ND1 ? A HIS 41 ? A HIS 269 ? 1_555 102.7 ? 
9  SG  ? A CYS 19 ? A CYS 247 ? 1_555 ZN ? C ZN . ? A ZN 302 ? 1_555 ND1 ? A HIS 41 ? A HIS 269 ? 1_555 96.8  ? 
10 SG  ? A CYS 16 ? A CYS 244 ? 1_555 ZN ? C ZN . ? A ZN 302 ? 1_555 SG  ? A CYS 44 ? A CYS 272 ? 1_555 115.7 ? 
11 SG  ? A CYS 19 ? A CYS 247 ? 1_555 ZN ? C ZN . ? A ZN 302 ? 1_555 SG  ? A CYS 44 ? A CYS 272 ? 1_555 112.8 ? 
12 ND1 ? A HIS 41 ? A HIS 269 ? 1_555 ZN ? C ZN . ? A ZN 302 ? 1_555 SG  ? A CYS 44 ? A CYS 272 ? 1_555 116.2 ? 
# 
loop_
_pdbx_audit_revision_history.ordinal 
_pdbx_audit_revision_history.data_content_type 
_pdbx_audit_revision_history.major_revision 
_pdbx_audit_revision_history.minor_revision 
_pdbx_audit_revision_history.revision_date 
1 'Structure model' 1 0 2022-05-04 
2 'Structure model' 1 1 2022-07-13 
3 'Structure model' 1 2 2023-10-18 
# 
_pdbx_audit_revision_details.ordinal             1 
_pdbx_audit_revision_details.revision_ordinal    1 
_pdbx_audit_revision_details.data_content_type   'Structure model' 
_pdbx_audit_revision_details.provider            repository 
_pdbx_audit_revision_details.type                'Initial release' 
_pdbx_audit_revision_details.description         ? 
_pdbx_audit_revision_details.details             ? 
# 
loop_
_pdbx_audit_revision_group.ordinal 
_pdbx_audit_revision_group.revision_ordinal 
_pdbx_audit_revision_group.data_content_type 
_pdbx_audit_revision_group.group 
1 2 'Structure model' 'Database references'    
2 3 'Structure model' 'Data collection'        
3 3 'Structure model' 'Refinement description' 
# 
loop_
_pdbx_audit_revision_category.ordinal 
_pdbx_audit_revision_category.revision_ordinal 
_pdbx_audit_revision_category.data_content_type 
_pdbx_audit_revision_category.category 
1 2 'Structure model' citation                      
2 2 'Structure model' citation_author               
3 3 'Structure model' chem_comp_atom                
4 3 'Structure model' chem_comp_bond                
5 3 'Structure model' pdbx_initial_refinement_model 
# 
loop_
_pdbx_audit_revision_item.ordinal 
_pdbx_audit_revision_item.revision_ordinal 
_pdbx_audit_revision_item.data_content_type 
_pdbx_audit_revision_item.item 
1  2 'Structure model' '_citation.country'                 
2  2 'Structure model' '_citation.journal_abbrev'          
3  2 'Structure model' '_citation.journal_id_CSD'          
4  2 'Structure model' '_citation.journal_id_ISSN'         
5  2 'Structure model' '_citation.journal_volume'          
6  2 'Structure model' '_citation.page_first'              
7  2 'Structure model' '_citation.page_last'               
8  2 'Structure model' '_citation.pdbx_database_id_DOI'    
9  2 'Structure model' '_citation.pdbx_database_id_PubMed' 
10 2 'Structure model' '_citation.title'                   
11 2 'Structure model' '_citation.year'                    
# 
loop_
_software.citation_id 
_software.classification 
_software.compiler_name 
_software.compiler_version 
_software.contact_author 
_software.contact_author_email 
_software.date 
_software.description 
_software.dependencies 
_software.hardware 
_software.language 
_software.location 
_software.mods 
_software.name 
_software.os 
_software.os_version 
_software.type 
_software.version 
_software.pdbx_ordinal 
? refinement        ? ? ? ? ? ? ? ? ? ? ? PHENIX      ? ? ? 1.18.2_3874 1 
? 'data reduction'  ? ? ? ? ? ? ? ? ? ? ? XDS         ? ? ? .           2 
? 'data scaling'    ? ? ? ? ? ? ? ? ? ? ? SAINT       ? ? ? .           3 
? 'data extraction' ? ? ? ? ? ? ? ? ? ? ? PDB_EXTRACT ? ? ? 3.27        4 
? phasing           ? ? ? ? ? ? ? ? ? ? ? MOLREP      ? ? ? .           5 
# 
_pdbx_entry_details.entry_id                 7KO6 
_pdbx_entry_details.nonpolymer_details       ? 
_pdbx_entry_details.sequence_details         ? 
_pdbx_entry_details.compound_details         ? 
_pdbx_entry_details.source_details           ? 
_pdbx_entry_details.has_ligand_of_interest   Y 
# 
_pdbx_validate_torsion.id              1 
_pdbx_validate_torsion.PDB_model_num   1 
_pdbx_validate_torsion.auth_comp_id    ASN 
_pdbx_validate_torsion.auth_asym_id    A 
_pdbx_validate_torsion.auth_seq_id     278 
_pdbx_validate_torsion.PDB_ins_code    ? 
_pdbx_validate_torsion.label_alt_id    ? 
_pdbx_validate_torsion.phi             -102.95 
_pdbx_validate_torsion.psi             41.59 
# 
_pdbx_unobs_or_zero_occ_residues.id               1 
_pdbx_unobs_or_zero_occ_residues.PDB_model_num    1 
_pdbx_unobs_or_zero_occ_residues.polymer_flag     Y 
_pdbx_unobs_or_zero_occ_residues.occupancy_flag   1 
_pdbx_unobs_or_zero_occ_residues.auth_asym_id     A 
_pdbx_unobs_or_zero_occ_residues.auth_comp_id     GLY 
_pdbx_unobs_or_zero_occ_residues.auth_seq_id      281 
_pdbx_unobs_or_zero_occ_residues.PDB_ins_code     ? 
_pdbx_unobs_or_zero_occ_residues.label_asym_id    A 
_pdbx_unobs_or_zero_occ_residues.label_comp_id    GLY 
_pdbx_unobs_or_zero_occ_residues.label_seq_id     53 
# 
loop_
_chem_comp_atom.comp_id 
_chem_comp_atom.atom_id 
_chem_comp_atom.type_symbol 
_chem_comp_atom.pdbx_aromatic_flag 
_chem_comp_atom.pdbx_stereo_config 
_chem_comp_atom.pdbx_ordinal 
ALA N    N  N N 1   
ALA CA   C  N S 2   
ALA C    C  N N 3   
ALA O    O  N N 4   
ALA CB   C  N N 5   
ALA OXT  O  N N 6   
ALA H    H  N N 7   
ALA H2   H  N N 8   
ALA HA   H  N N 9   
ALA HB1  H  N N 10  
ALA HB2  H  N N 11  
ALA HB3  H  N N 12  
ALA HXT  H  N N 13  
ARG N    N  N N 14  
ARG CA   C  N S 15  
ARG C    C  N N 16  
ARG O    O  N N 17  
ARG CB   C  N N 18  
ARG CG   C  N N 19  
ARG CD   C  N N 20  
ARG NE   N  N N 21  
ARG CZ   C  N N 22  
ARG NH1  N  N N 23  
ARG NH2  N  N N 24  
ARG OXT  O  N N 25  
ARG H    H  N N 26  
ARG H2   H  N N 27  
ARG HA   H  N N 28  
ARG HB2  H  N N 29  
ARG HB3  H  N N 30  
ARG HG2  H  N N 31  
ARG HG3  H  N N 32  
ARG HD2  H  N N 33  
ARG HD3  H  N N 34  
ARG HE   H  N N 35  
ARG HH11 H  N N 36  
ARG HH12 H  N N 37  
ARG HH21 H  N N 38  
ARG HH22 H  N N 39  
ARG HXT  H  N N 40  
ASN N    N  N N 41  
ASN CA   C  N S 42  
ASN C    C  N N 43  
ASN O    O  N N 44  
ASN CB   C  N N 45  
ASN CG   C  N N 46  
ASN OD1  O  N N 47  
ASN ND2  N  N N 48  
ASN OXT  O  N N 49  
ASN H    H  N N 50  
ASN H2   H  N N 51  
ASN HA   H  N N 52  
ASN HB2  H  N N 53  
ASN HB3  H  N N 54  
ASN HD21 H  N N 55  
ASN HD22 H  N N 56  
ASN HXT  H  N N 57  
ASP N    N  N N 58  
ASP CA   C  N S 59  
ASP C    C  N N 60  
ASP O    O  N N 61  
ASP CB   C  N N 62  
ASP CG   C  N N 63  
ASP OD1  O  N N 64  
ASP OD2  O  N N 65  
ASP OXT  O  N N 66  
ASP H    H  N N 67  
ASP H2   H  N N 68  
ASP HA   H  N N 69  
ASP HB2  H  N N 70  
ASP HB3  H  N N 71  
ASP HD2  H  N N 72  
ASP HXT  H  N N 73  
CYS N    N  N N 74  
CYS CA   C  N R 75  
CYS C    C  N N 76  
CYS O    O  N N 77  
CYS CB   C  N N 78  
CYS SG   S  N N 79  
CYS OXT  O  N N 80  
CYS H    H  N N 81  
CYS H2   H  N N 82  
CYS HA   H  N N 83  
CYS HB2  H  N N 84  
CYS HB3  H  N N 85  
CYS HG   H  N N 86  
CYS HXT  H  N N 87  
GLN N    N  N N 88  
GLN CA   C  N S 89  
GLN C    C  N N 90  
GLN O    O  N N 91  
GLN CB   C  N N 92  
GLN CG   C  N N 93  
GLN CD   C  N N 94  
GLN OE1  O  N N 95  
GLN NE2  N  N N 96  
GLN OXT  O  N N 97  
GLN H    H  N N 98  
GLN H2   H  N N 99  
GLN HA   H  N N 100 
GLN HB2  H  N N 101 
GLN HB3  H  N N 102 
GLN HG2  H  N N 103 
GLN HG3  H  N N 104 
GLN HE21 H  N N 105 
GLN HE22 H  N N 106 
GLN HXT  H  N N 107 
GLU N    N  N N 108 
GLU CA   C  N S 109 
GLU C    C  N N 110 
GLU O    O  N N 111 
GLU CB   C  N N 112 
GLU CG   C  N N 113 
GLU CD   C  N N 114 
GLU OE1  O  N N 115 
GLU OE2  O  N N 116 
GLU OXT  O  N N 117 
GLU H    H  N N 118 
GLU H2   H  N N 119 
GLU HA   H  N N 120 
GLU HB2  H  N N 121 
GLU HB3  H  N N 122 
GLU HG2  H  N N 123 
GLU HG3  H  N N 124 
GLU HE2  H  N N 125 
GLU HXT  H  N N 126 
GLY N    N  N N 127 
GLY CA   C  N N 128 
GLY C    C  N N 129 
GLY O    O  N N 130 
GLY OXT  O  N N 131 
GLY H    H  N N 132 
GLY H2   H  N N 133 
GLY HA2  H  N N 134 
GLY HA3  H  N N 135 
GLY HXT  H  N N 136 
HIS N    N  N N 137 
HIS CA   C  N S 138 
HIS C    C  N N 139 
HIS O    O  N N 140 
HIS CB   C  N N 141 
HIS CG   C  Y N 142 
HIS ND1  N  Y N 143 
HIS CD2  C  Y N 144 
HIS CE1  C  Y N 145 
HIS NE2  N  Y N 146 
HIS OXT  O  N N 147 
HIS H    H  N N 148 
HIS H2   H  N N 149 
HIS HA   H  N N 150 
HIS HB2  H  N N 151 
HIS HB3  H  N N 152 
HIS HD1  H  N N 153 
HIS HD2  H  N N 154 
HIS HE1  H  N N 155 
HIS HE2  H  N N 156 
HIS HXT  H  N N 157 
HOH O    O  N N 158 
HOH H1   H  N N 159 
HOH H2   H  N N 160 
LEU N    N  N N 161 
LEU CA   C  N S 162 
LEU C    C  N N 163 
LEU O    O  N N 164 
LEU CB   C  N N 165 
LEU CG   C  N N 166 
LEU CD1  C  N N 167 
LEU CD2  C  N N 168 
LEU OXT  O  N N 169 
LEU H    H  N N 170 
LEU H2   H  N N 171 
LEU HA   H  N N 172 
LEU HB2  H  N N 173 
LEU HB3  H  N N 174 
LEU HG   H  N N 175 
LEU HD11 H  N N 176 
LEU HD12 H  N N 177 
LEU HD13 H  N N 178 
LEU HD21 H  N N 179 
LEU HD22 H  N N 180 
LEU HD23 H  N N 181 
LEU HXT  H  N N 182 
LYS N    N  N N 183 
LYS CA   C  N S 184 
LYS C    C  N N 185 
LYS O    O  N N 186 
LYS CB   C  N N 187 
LYS CG   C  N N 188 
LYS CD   C  N N 189 
LYS CE   C  N N 190 
LYS NZ   N  N N 191 
LYS OXT  O  N N 192 
LYS H    H  N N 193 
LYS H2   H  N N 194 
LYS HA   H  N N 195 
LYS HB2  H  N N 196 
LYS HB3  H  N N 197 
LYS HG2  H  N N 198 
LYS HG3  H  N N 199 
LYS HD2  H  N N 200 
LYS HD3  H  N N 201 
LYS HE2  H  N N 202 
LYS HE3  H  N N 203 
LYS HZ1  H  N N 204 
LYS HZ2  H  N N 205 
LYS HZ3  H  N N 206 
LYS HXT  H  N N 207 
MET N    N  N N 208 
MET CA   C  N S 209 
MET C    C  N N 210 
MET O    O  N N 211 
MET CB   C  N N 212 
MET CG   C  N N 213 
MET SD   S  N N 214 
MET CE   C  N N 215 
MET OXT  O  N N 216 
MET H    H  N N 217 
MET H2   H  N N 218 
MET HA   H  N N 219 
MET HB2  H  N N 220 
MET HB3  H  N N 221 
MET HG2  H  N N 222 
MET HG3  H  N N 223 
MET HE1  H  N N 224 
MET HE2  H  N N 225 
MET HE3  H  N N 226 
MET HXT  H  N N 227 
PHE N    N  N N 228 
PHE CA   C  N S 229 
PHE C    C  N N 230 
PHE O    O  N N 231 
PHE CB   C  N N 232 
PHE CG   C  Y N 233 
PHE CD1  C  Y N 234 
PHE CD2  C  Y N 235 
PHE CE1  C  Y N 236 
PHE CE2  C  Y N 237 
PHE CZ   C  Y N 238 
PHE OXT  O  N N 239 
PHE H    H  N N 240 
PHE H2   H  N N 241 
PHE HA   H  N N 242 
PHE HB2  H  N N 243 
PHE HB3  H  N N 244 
PHE HD1  H  N N 245 
PHE HD2  H  N N 246 
PHE HE1  H  N N 247 
PHE HE2  H  N N 248 
PHE HZ   H  N N 249 
PHE HXT  H  N N 250 
PRO N    N  N N 251 
PRO CA   C  N S 252 
PRO C    C  N N 253 
PRO O    O  N N 254 
PRO CB   C  N N 255 
PRO CG   C  N N 256 
PRO CD   C  N N 257 
PRO OXT  O  N N 258 
PRO H    H  N N 259 
PRO HA   H  N N 260 
PRO HB2  H  N N 261 
PRO HB3  H  N N 262 
PRO HG2  H  N N 263 
PRO HG3  H  N N 264 
PRO HD2  H  N N 265 
PRO HD3  H  N N 266 
PRO HXT  H  N N 267 
SER N    N  N N 268 
SER CA   C  N S 269 
SER C    C  N N 270 
SER O    O  N N 271 
SER CB   C  N N 272 
SER OG   O  N N 273 
SER OXT  O  N N 274 
SER H    H  N N 275 
SER H2   H  N N 276 
SER HA   H  N N 277 
SER HB2  H  N N 278 
SER HB3  H  N N 279 
SER HG   H  N N 280 
SER HXT  H  N N 281 
THR N    N  N N 282 
THR CA   C  N S 283 
THR C    C  N N 284 
THR O    O  N N 285 
THR CB   C  N R 286 
THR OG1  O  N N 287 
THR CG2  C  N N 288 
THR OXT  O  N N 289 
THR H    H  N N 290 
THR H2   H  N N 291 
THR HA   H  N N 292 
THR HB   H  N N 293 
THR HG1  H  N N 294 
THR HG21 H  N N 295 
THR HG22 H  N N 296 
THR HG23 H  N N 297 
THR HXT  H  N N 298 
TRP N    N  N N 299 
TRP CA   C  N S 300 
TRP C    C  N N 301 
TRP O    O  N N 302 
TRP CB   C  N N 303 
TRP CG   C  Y N 304 
TRP CD1  C  Y N 305 
TRP CD2  C  Y N 306 
TRP NE1  N  Y N 307 
TRP CE2  C  Y N 308 
TRP CE3  C  Y N 309 
TRP CZ2  C  Y N 310 
TRP CZ3  C  Y N 311 
TRP CH2  C  Y N 312 
TRP OXT  O  N N 313 
TRP H    H  N N 314 
TRP H2   H  N N 315 
TRP HA   H  N N 316 
TRP HB2  H  N N 317 
TRP HB3  H  N N 318 
TRP HD1  H  N N 319 
TRP HE1  H  N N 320 
TRP HE3  H  N N 321 
TRP HZ2  H  N N 322 
TRP HZ3  H  N N 323 
TRP HH2  H  N N 324 
TRP HXT  H  N N 325 
TYR N    N  N N 326 
TYR CA   C  N S 327 
TYR C    C  N N 328 
TYR O    O  N N 329 
TYR CB   C  N N 330 
TYR CG   C  Y N 331 
TYR CD1  C  Y N 332 
TYR CD2  C  Y N 333 
TYR CE1  C  Y N 334 
TYR CE2  C  Y N 335 
TYR CZ   C  Y N 336 
TYR OH   O  N N 337 
TYR OXT  O  N N 338 
TYR H    H  N N 339 
TYR H2   H  N N 340 
TYR HA   H  N N 341 
TYR HB2  H  N N 342 
TYR HB3  H  N N 343 
TYR HD1  H  N N 344 
TYR HD2  H  N N 345 
TYR HE1  H  N N 346 
TYR HE2  H  N N 347 
TYR HH   H  N N 348 
TYR HXT  H  N N 349 
VAL N    N  N N 350 
VAL CA   C  N S 351 
VAL C    C  N N 352 
VAL O    O  N N 353 
VAL CB   C  N N 354 
VAL CG1  C  N N 355 
VAL CG2  C  N N 356 
VAL OXT  O  N N 357 
VAL H    H  N N 358 
VAL H2   H  N N 359 
VAL HA   H  N N 360 
VAL HB   H  N N 361 
VAL HG11 H  N N 362 
VAL HG12 H  N N 363 
VAL HG13 H  N N 364 
VAL HG21 H  N N 365 
VAL HG22 H  N N 366 
VAL HG23 H  N N 367 
VAL HXT  H  N N 368 
WUD C    C  N N 369 
WUD O    O  N N 370 
WUD C1   C  N N 371 
WUD C10  C  N R 372 
WUD C11  C  N N 373 
WUD C12  C  N N 374 
WUD C13  C  N S 375 
WUD C14  C  N N 376 
WUD C15  C  N R 377 
WUD C16  C  N R 378 
WUD C17  C  N N 379 
WUD C18  C  N N 380 
WUD C19  C  N N 381 
WUD C2   C  N N 382 
WUD C20  C  N N 383 
WUD C21  C  N R 384 
WUD C22  C  N N 385 
WUD C23  C  N N 386 
WUD C24  C  N N 387 
WUD C3   C  N N 388 
WUD C4   C  N N 389 
WUD C5   C  N S 390 
WUD C6   C  N N 391 
WUD C7   C  N N 392 
WUD C8   C  N S 393 
WUD C9   C  N S 394 
WUD O1   O  N N 395 
WUD O2   O  N N 396 
WUD O3   O  N N 397 
WUD O4   O  N N 398 
WUD O5   O  N N 399 
WUD H1   H  N N 400 
WUD H2   H  N N 401 
WUD H3   H  N N 402 
WUD H4   H  N N 403 
WUD H5   H  N N 404 
WUD H6   H  N N 405 
WUD H7   H  N N 406 
WUD H8   H  N N 407 
WUD H9   H  N N 408 
WUD H10  H  N N 409 
WUD H11  H  N N 410 
WUD H12  H  N N 411 
WUD H13  H  N N 412 
WUD H14  H  N N 413 
WUD H15  H  N N 414 
WUD H16  H  N N 415 
WUD H17  H  N N 416 
WUD H18  H  N N 417 
WUD H19  H  N N 418 
WUD H20  H  N N 419 
WUD H21  H  N N 420 
WUD H22  H  N N 421 
WUD H23  H  N N 422 
WUD H24  H  N N 423 
WUD H25  H  N N 424 
WUD H26  H  N N 425 
WUD H27  H  N N 426 
WUD H28  H  N N 427 
WUD H29  H  N N 428 
WUD H30  H  N N 429 
WUD H32  H  N N 430 
WUD H34  H  N N 431 
WUD H35  H  N N 432 
WUD H36  H  N N 433 
XP5 O1   O  N N 434 
XP5 O2   O  N N 435 
XP5 P1   P  N S 436 
XP5 O3   O  N N 437 
XP5 C1   C  N N 438 
XP5 C2   C  N N 439 
XP5 N1   N  N N 440 
XP5 C3   C  N N 441 
XP5 C4   C  N N 442 
XP5 C5   C  N N 443 
XP5 O4   O  N N 444 
XP5 C6   C  N N 445 
XP5 C8   C  N N 446 
XP5 O5   O  N N 447 
XP5 C9   C  N N 448 
XP5 O6   O  N N 449 
XP5 C10  C  N N 450 
XP5 C11  C  N N 451 
XP5 C12  C  N N 452 
XP5 C13  C  N N 453 
XP5 C14  C  N N 454 
XP5 C15  C  N N 455 
XP5 O7   O  N N 456 
XP5 C17  C  N N 457 
XP5 O8   O  N N 458 
XP5 C18  C  N N 459 
XP5 C19  C  N N 460 
XP5 C20  C  N N 461 
XP5 C21  C  N N 462 
XP5 C22  C  N N 463 
XP5 C23  C  N N 464 
XP5 CAM  C  N R 465 
XP5 H2   H  N N 466 
XP5 H11C H  N N 467 
XP5 H12C H  N N 468 
XP5 H21C H  N N 469 
XP5 H22C H  N N 470 
XP5 H31C H  N N 471 
XP5 H32C H  N N 472 
XP5 H33C H  N N 473 
XP5 H41C H  N N 474 
XP5 H42C H  N N 475 
XP5 H43C H  N N 476 
XP5 H51C H  N N 477 
XP5 H52C H  N N 478 
XP5 H53C H  N N 479 
XP5 H61C H  N N 480 
XP5 H62C H  N N 481 
XP5 HAM  H  N N 482 
XP5 H81C H  N N 483 
XP5 H82C H  N N 484 
XP5 H101 H  N N 485 
XP5 H102 H  N N 486 
XP5 H111 H  N N 487 
XP5 H112 H  N N 488 
XP5 H121 H  N N 489 
XP5 H122 H  N N 490 
XP5 H131 H  N N 491 
XP5 H132 H  N N 492 
XP5 H141 H  N N 493 
XP5 H142 H  N N 494 
XP5 H151 H  N N 495 
XP5 H152 H  N N 496 
XP5 H153 H  N N 497 
XP5 H181 H  N N 498 
XP5 H182 H  N N 499 
XP5 H191 H  N N 500 
XP5 H192 H  N N 501 
XP5 H201 H  N N 502 
XP5 H202 H  N N 503 
XP5 H211 H  N N 504 
XP5 H212 H  N N 505 
XP5 H221 H  N N 506 
XP5 H222 H  N N 507 
XP5 H231 H  N N 508 
XP5 H232 H  N N 509 
XP5 H233 H  N N 510 
ZN  ZN   ZN N N 511 
# 
loop_
_chem_comp_bond.comp_id 
_chem_comp_bond.atom_id_1 
_chem_comp_bond.atom_id_2 
_chem_comp_bond.value_order 
_chem_comp_bond.pdbx_aromatic_flag 
_chem_comp_bond.pdbx_stereo_config 
_chem_comp_bond.pdbx_ordinal 
ALA N   CA   sing N N 1   
ALA N   H    sing N N 2   
ALA N   H2   sing N N 3   
ALA CA  C    sing N N 4   
ALA CA  CB   sing N N 5   
ALA CA  HA   sing N N 6   
ALA C   O    doub N N 7   
ALA C   OXT  sing N N 8   
ALA CB  HB1  sing N N 9   
ALA CB  HB2  sing N N 10  
ALA CB  HB3  sing N N 11  
ALA OXT HXT  sing N N 12  
ARG N   CA   sing N N 13  
ARG N   H    sing N N 14  
ARG N   H2   sing N N 15  
ARG CA  C    sing N N 16  
ARG CA  CB   sing N N 17  
ARG CA  HA   sing N N 18  
ARG C   O    doub N N 19  
ARG C   OXT  sing N N 20  
ARG CB  CG   sing N N 21  
ARG CB  HB2  sing N N 22  
ARG CB  HB3  sing N N 23  
ARG CG  CD   sing N N 24  
ARG CG  HG2  sing N N 25  
ARG CG  HG3  sing N N 26  
ARG CD  NE   sing N N 27  
ARG CD  HD2  sing N N 28  
ARG CD  HD3  sing N N 29  
ARG NE  CZ   sing N N 30  
ARG NE  HE   sing N N 31  
ARG CZ  NH1  sing N N 32  
ARG CZ  NH2  doub N N 33  
ARG NH1 HH11 sing N N 34  
ARG NH1 HH12 sing N N 35  
ARG NH2 HH21 sing N N 36  
ARG NH2 HH22 sing N N 37  
ARG OXT HXT  sing N N 38  
ASN N   CA   sing N N 39  
ASN N   H    sing N N 40  
ASN N   H2   sing N N 41  
ASN CA  C    sing N N 42  
ASN CA  CB   sing N N 43  
ASN CA  HA   sing N N 44  
ASN C   O    doub N N 45  
ASN C   OXT  sing N N 46  
ASN CB  CG   sing N N 47  
ASN CB  HB2  sing N N 48  
ASN CB  HB3  sing N N 49  
ASN CG  OD1  doub N N 50  
ASN CG  ND2  sing N N 51  
ASN ND2 HD21 sing N N 52  
ASN ND2 HD22 sing N N 53  
ASN OXT HXT  sing N N 54  
ASP N   CA   sing N N 55  
ASP N   H    sing N N 56  
ASP N   H2   sing N N 57  
ASP CA  C    sing N N 58  
ASP CA  CB   sing N N 59  
ASP CA  HA   sing N N 60  
ASP C   O    doub N N 61  
ASP C   OXT  sing N N 62  
ASP CB  CG   sing N N 63  
ASP CB  HB2  sing N N 64  
ASP CB  HB3  sing N N 65  
ASP CG  OD1  doub N N 66  
ASP CG  OD2  sing N N 67  
ASP OD2 HD2  sing N N 68  
ASP OXT HXT  sing N N 69  
CYS N   CA   sing N N 70  
CYS N   H    sing N N 71  
CYS N   H2   sing N N 72  
CYS CA  C    sing N N 73  
CYS CA  CB   sing N N 74  
CYS CA  HA   sing N N 75  
CYS C   O    doub N N 76  
CYS C   OXT  sing N N 77  
CYS CB  SG   sing N N 78  
CYS CB  HB2  sing N N 79  
CYS CB  HB3  sing N N 80  
CYS SG  HG   sing N N 81  
CYS OXT HXT  sing N N 82  
GLN N   CA   sing N N 83  
GLN N   H    sing N N 84  
GLN N   H2   sing N N 85  
GLN CA  C    sing N N 86  
GLN CA  CB   sing N N 87  
GLN CA  HA   sing N N 88  
GLN C   O    doub N N 89  
GLN C   OXT  sing N N 90  
GLN CB  CG   sing N N 91  
GLN CB  HB2  sing N N 92  
GLN CB  HB3  sing N N 93  
GLN CG  CD   sing N N 94  
GLN CG  HG2  sing N N 95  
GLN CG  HG3  sing N N 96  
GLN CD  OE1  doub N N 97  
GLN CD  NE2  sing N N 98  
GLN NE2 HE21 sing N N 99  
GLN NE2 HE22 sing N N 100 
GLN OXT HXT  sing N N 101 
GLU N   CA   sing N N 102 
GLU N   H    sing N N 103 
GLU N   H2   sing N N 104 
GLU CA  C    sing N N 105 
GLU CA  CB   sing N N 106 
GLU CA  HA   sing N N 107 
GLU C   O    doub N N 108 
GLU C   OXT  sing N N 109 
GLU CB  CG   sing N N 110 
GLU CB  HB2  sing N N 111 
GLU CB  HB3  sing N N 112 
GLU CG  CD   sing N N 113 
GLU CG  HG2  sing N N 114 
GLU CG  HG3  sing N N 115 
GLU CD  OE1  doub N N 116 
GLU CD  OE2  sing N N 117 
GLU OE2 HE2  sing N N 118 
GLU OXT HXT  sing N N 119 
GLY N   CA   sing N N 120 
GLY N   H    sing N N 121 
GLY N   H2   sing N N 122 
GLY CA  C    sing N N 123 
GLY CA  HA2  sing N N 124 
GLY CA  HA3  sing N N 125 
GLY C   O    doub N N 126 
GLY C   OXT  sing N N 127 
GLY OXT HXT  sing N N 128 
HIS N   CA   sing N N 129 
HIS N   H    sing N N 130 
HIS N   H2   sing N N 131 
HIS CA  C    sing N N 132 
HIS CA  CB   sing N N 133 
HIS CA  HA   sing N N 134 
HIS C   O    doub N N 135 
HIS C   OXT  sing N N 136 
HIS CB  CG   sing N N 137 
HIS CB  HB2  sing N N 138 
HIS CB  HB3  sing N N 139 
HIS CG  ND1  sing Y N 140 
HIS CG  CD2  doub Y N 141 
HIS ND1 CE1  doub Y N 142 
HIS ND1 HD1  sing N N 143 
HIS CD2 NE2  sing Y N 144 
HIS CD2 HD2  sing N N 145 
HIS CE1 NE2  sing Y N 146 
HIS CE1 HE1  sing N N 147 
HIS NE2 HE2  sing N N 148 
HIS OXT HXT  sing N N 149 
HOH O   H1   sing N N 150 
HOH O   H2   sing N N 151 
LEU N   CA   sing N N 152 
LEU N   H    sing N N 153 
LEU N   H2   sing N N 154 
LEU CA  C    sing N N 155 
LEU CA  CB   sing N N 156 
LEU CA  HA   sing N N 157 
LEU C   O    doub N N 158 
LEU C   OXT  sing N N 159 
LEU CB  CG   sing N N 160 
LEU CB  HB2  sing N N 161 
LEU CB  HB3  sing N N 162 
LEU CG  CD1  sing N N 163 
LEU CG  CD2  sing N N 164 
LEU CG  HG   sing N N 165 
LEU CD1 HD11 sing N N 166 
LEU CD1 HD12 sing N N 167 
LEU CD1 HD13 sing N N 168 
LEU CD2 HD21 sing N N 169 
LEU CD2 HD22 sing N N 170 
LEU CD2 HD23 sing N N 171 
LEU OXT HXT  sing N N 172 
LYS N   CA   sing N N 173 
LYS N   H    sing N N 174 
LYS N   H2   sing N N 175 
LYS CA  C    sing N N 176 
LYS CA  CB   sing N N 177 
LYS CA  HA   sing N N 178 
LYS C   O    doub N N 179 
LYS C   OXT  sing N N 180 
LYS CB  CG   sing N N 181 
LYS CB  HB2  sing N N 182 
LYS CB  HB3  sing N N 183 
LYS CG  CD   sing N N 184 
LYS CG  HG2  sing N N 185 
LYS CG  HG3  sing N N 186 
LYS CD  CE   sing N N 187 
LYS CD  HD2  sing N N 188 
LYS CD  HD3  sing N N 189 
LYS CE  NZ   sing N N 190 
LYS CE  HE2  sing N N 191 
LYS CE  HE3  sing N N 192 
LYS NZ  HZ1  sing N N 193 
LYS NZ  HZ2  sing N N 194 
LYS NZ  HZ3  sing N N 195 
LYS OXT HXT  sing N N 196 
MET N   CA   sing N N 197 
MET N   H    sing N N 198 
MET N   H2   sing N N 199 
MET CA  C    sing N N 200 
MET CA  CB   sing N N 201 
MET CA  HA   sing N N 202 
MET C   O    doub N N 203 
MET C   OXT  sing N N 204 
MET CB  CG   sing N N 205 
MET CB  HB2  sing N N 206 
MET CB  HB3  sing N N 207 
MET CG  SD   sing N N 208 
MET CG  HG2  sing N N 209 
MET CG  HG3  sing N N 210 
MET SD  CE   sing N N 211 
MET CE  HE1  sing N N 212 
MET CE  HE2  sing N N 213 
MET CE  HE3  sing N N 214 
MET OXT HXT  sing N N 215 
PHE N   CA   sing N N 216 
PHE N   H    sing N N 217 
PHE N   H2   sing N N 218 
PHE CA  C    sing N N 219 
PHE CA  CB   sing N N 220 
PHE CA  HA   sing N N 221 
PHE C   O    doub N N 222 
PHE C   OXT  sing N N 223 
PHE CB  CG   sing N N 224 
PHE CB  HB2  sing N N 225 
PHE CB  HB3  sing N N 226 
PHE CG  CD1  doub Y N 227 
PHE CG  CD2  sing Y N 228 
PHE CD1 CE1  sing Y N 229 
PHE CD1 HD1  sing N N 230 
PHE CD2 CE2  doub Y N 231 
PHE CD2 HD2  sing N N 232 
PHE CE1 CZ   doub Y N 233 
PHE CE1 HE1  sing N N 234 
PHE CE2 CZ   sing Y N 235 
PHE CE2 HE2  sing N N 236 
PHE CZ  HZ   sing N N 237 
PHE OXT HXT  sing N N 238 
PRO N   CA   sing N N 239 
PRO N   CD   sing N N 240 
PRO N   H    sing N N 241 
PRO CA  C    sing N N 242 
PRO CA  CB   sing N N 243 
PRO CA  HA   sing N N 244 
PRO C   O    doub N N 245 
PRO C   OXT  sing N N 246 
PRO CB  CG   sing N N 247 
PRO CB  HB2  sing N N 248 
PRO CB  HB3  sing N N 249 
PRO CG  CD   sing N N 250 
PRO CG  HG2  sing N N 251 
PRO CG  HG3  sing N N 252 
PRO CD  HD2  sing N N 253 
PRO CD  HD3  sing N N 254 
PRO OXT HXT  sing N N 255 
SER N   CA   sing N N 256 
SER N   H    sing N N 257 
SER N   H2   sing N N 258 
SER CA  C    sing N N 259 
SER CA  CB   sing N N 260 
SER CA  HA   sing N N 261 
SER C   O    doub N N 262 
SER C   OXT  sing N N 263 
SER CB  OG   sing N N 264 
SER CB  HB2  sing N N 265 
SER CB  HB3  sing N N 266 
SER OG  HG   sing N N 267 
SER OXT HXT  sing N N 268 
THR N   CA   sing N N 269 
THR N   H    sing N N 270 
THR N   H2   sing N N 271 
THR CA  C    sing N N 272 
THR CA  CB   sing N N 273 
THR CA  HA   sing N N 274 
THR C   O    doub N N 275 
THR C   OXT  sing N N 276 
THR CB  OG1  sing N N 277 
THR CB  CG2  sing N N 278 
THR CB  HB   sing N N 279 
THR OG1 HG1  sing N N 280 
THR CG2 HG21 sing N N 281 
THR CG2 HG22 sing N N 282 
THR CG2 HG23 sing N N 283 
THR OXT HXT  sing N N 284 
TRP N   CA   sing N N 285 
TRP N   H    sing N N 286 
TRP N   H2   sing N N 287 
TRP CA  C    sing N N 288 
TRP CA  CB   sing N N 289 
TRP CA  HA   sing N N 290 
TRP C   O    doub N N 291 
TRP C   OXT  sing N N 292 
TRP CB  CG   sing N N 293 
TRP CB  HB2  sing N N 294 
TRP CB  HB3  sing N N 295 
TRP CG  CD1  doub Y N 296 
TRP CG  CD2  sing Y N 297 
TRP CD1 NE1  sing Y N 298 
TRP CD1 HD1  sing N N 299 
TRP CD2 CE2  doub Y N 300 
TRP CD2 CE3  sing Y N 301 
TRP NE1 CE2  sing Y N 302 
TRP NE1 HE1  sing N N 303 
TRP CE2 CZ2  sing Y N 304 
TRP CE3 CZ3  doub Y N 305 
TRP CE3 HE3  sing N N 306 
TRP CZ2 CH2  doub Y N 307 
TRP CZ2 HZ2  sing N N 308 
TRP CZ3 CH2  sing Y N 309 
TRP CZ3 HZ3  sing N N 310 
TRP CH2 HH2  sing N N 311 
TRP OXT HXT  sing N N 312 
TYR N   CA   sing N N 313 
TYR N   H    sing N N 314 
TYR N   H2   sing N N 315 
TYR CA  C    sing N N 316 
TYR CA  CB   sing N N 317 
TYR CA  HA   sing N N 318 
TYR C   O    doub N N 319 
TYR C   OXT  sing N N 320 
TYR CB  CG   sing N N 321 
TYR CB  HB2  sing N N 322 
TYR CB  HB3  sing N N 323 
TYR CG  CD1  doub Y N 324 
TYR CG  CD2  sing Y N 325 
TYR CD1 CE1  sing Y N 326 
TYR CD1 HD1  sing N N 327 
TYR CD2 CE2  doub Y N 328 
TYR CD2 HD2  sing N N 329 
TYR CE1 CZ   doub Y N 330 
TYR CE1 HE1  sing N N 331 
TYR CE2 CZ   sing Y N 332 
TYR CE2 HE2  sing N N 333 
TYR CZ  OH   sing N N 334 
TYR OH  HH   sing N N 335 
TYR OXT HXT  sing N N 336 
VAL N   CA   sing N N 337 
VAL N   H    sing N N 338 
VAL N   H2   sing N N 339 
VAL CA  C    sing N N 340 
VAL CA  CB   sing N N 341 
VAL CA  HA   sing N N 342 
VAL C   O    doub N N 343 
VAL C   OXT  sing N N 344 
VAL CB  CG1  sing N N 345 
VAL CB  CG2  sing N N 346 
VAL CB  HB   sing N N 347 
VAL CG1 HG11 sing N N 348 
VAL CG1 HG12 sing N N 349 
VAL CG1 HG13 sing N N 350 
VAL CG2 HG21 sing N N 351 
VAL CG2 HG22 sing N N 352 
VAL CG2 HG23 sing N N 353 
VAL OXT HXT  sing N N 354 
WUD C22 C21  sing N N 355 
WUD C3  C2   sing N N 356 
WUD C21 C20  sing N N 357 
WUD C21 C8   sing N N 358 
WUD C24 C6   sing N N 359 
WUD C20 C16  sing N N 360 
WUD C7  C6   doub N N 361 
WUD C7  C8   sing N N 362 
WUD C2  C1   doub N Z 363 
WUD C2  C4   sing N N 364 
WUD C16 C17  sing N N 365 
WUD C16 C15  sing N N 366 
WUD C1  C    sing N N 367 
WUD C6  C5   sing N N 368 
WUD O1  C4   sing N N 369 
WUD O1  C5   sing N N 370 
WUD C8  C14  sing N N 371 
WUD C8  C9   sing N N 372 
WUD C4  O    doub N N 373 
WUD O2  C14  doub N N 374 
WUD C19 C17  sing N N 375 
WUD C5  C9   sing N N 376 
WUD C14 C13  sing N N 377 
WUD C17 C15  sing N N 378 
WUD C17 C18  sing N N 379 
WUD C15 C13  sing N N 380 
WUD C9  O5   sing N N 381 
WUD C9  C10  sing N N 382 
WUD C13 C12  sing N N 383 
WUD C10 O4   sing N N 384 
WUD C10 C11  sing N N 385 
WUD C12 C11  doub N N 386 
WUD C11 C23  sing N N 387 
WUD C23 O3   sing N N 388 
WUD C   H1   sing N N 389 
WUD C   H2   sing N N 390 
WUD C   H3   sing N N 391 
WUD C1  H4   sing N N 392 
WUD C10 H5   sing N N 393 
WUD C12 H6   sing N N 394 
WUD C13 H7   sing N N 395 
WUD C15 H8   sing N N 396 
WUD C16 H9   sing N N 397 
WUD C18 H10  sing N N 398 
WUD C18 H11  sing N N 399 
WUD C18 H12  sing N N 400 
WUD C19 H13  sing N N 401 
WUD C19 H14  sing N N 402 
WUD C19 H15  sing N N 403 
WUD C20 H16  sing N N 404 
WUD C20 H17  sing N N 405 
WUD C21 H18  sing N N 406 
WUD C22 H19  sing N N 407 
WUD C22 H20  sing N N 408 
WUD C22 H21  sing N N 409 
WUD C23 H22  sing N N 410 
WUD C23 H23  sing N N 411 
WUD C24 H24  sing N N 412 
WUD C24 H25  sing N N 413 
WUD C24 H26  sing N N 414 
WUD C3  H27  sing N N 415 
WUD C3  H28  sing N N 416 
WUD C3  H29  sing N N 417 
WUD C5  H30  sing N N 418 
WUD C7  H32  sing N N 419 
WUD O3  H34  sing N N 420 
WUD O4  H35  sing N N 421 
WUD O5  H36  sing N N 422 
XP5 O1  P1   doub N N 423 
XP5 O2  P1   sing N N 424 
XP5 P1  O3   sing N N 425 
XP5 P1  O4   sing N N 426 
XP5 O3  C1   sing N N 427 
XP5 C1  C2   sing N N 428 
XP5 C2  N1   sing N N 429 
XP5 N1  C3   sing N N 430 
XP5 N1  C4   sing N N 431 
XP5 N1  C5   sing N N 432 
XP5 O4  C6   sing N N 433 
XP5 C6  CAM  sing N N 434 
XP5 C8  O5   sing N N 435 
XP5 C8  CAM  sing N N 436 
XP5 O5  C9   sing N N 437 
XP5 C9  O6   doub N N 438 
XP5 C9  C10  sing N N 439 
XP5 C10 C11  sing N N 440 
XP5 C11 C12  sing N N 441 
XP5 C12 C13  sing N N 442 
XP5 C13 C14  sing N N 443 
XP5 C14 C15  sing N N 444 
XP5 O7  C17  doub N N 445 
XP5 C17 O8   sing N N 446 
XP5 C17 C18  sing N N 447 
XP5 O8  CAM  sing N N 448 
XP5 C18 C19  sing N N 449 
XP5 C19 C20  sing N N 450 
XP5 C20 C21  sing N N 451 
XP5 C21 C22  sing N N 452 
XP5 C22 C23  sing N N 453 
XP5 O2  H2   sing N N 454 
XP5 C1  H11C sing N N 455 
XP5 C1  H12C sing N N 456 
XP5 C2  H21C sing N N 457 
XP5 C2  H22C sing N N 458 
XP5 C3  H31C sing N N 459 
XP5 C3  H32C sing N N 460 
XP5 C3  H33C sing N N 461 
XP5 C4  H41C sing N N 462 
XP5 C4  H42C sing N N 463 
XP5 C4  H43C sing N N 464 
XP5 C5  H51C sing N N 465 
XP5 C5  H52C sing N N 466 
XP5 C5  H53C sing N N 467 
XP5 C6  H61C sing N N 468 
XP5 C6  H62C sing N N 469 
XP5 CAM HAM  sing N N 470 
XP5 C8  H81C sing N N 471 
XP5 C8  H82C sing N N 472 
XP5 C10 H101 sing N N 473 
XP5 C10 H102 sing N N 474 
XP5 C11 H111 sing N N 475 
XP5 C11 H112 sing N N 476 
XP5 C12 H121 sing N N 477 
XP5 C12 H122 sing N N 478 
XP5 C13 H131 sing N N 479 
XP5 C13 H132 sing N N 480 
XP5 C14 H141 sing N N 481 
XP5 C14 H142 sing N N 482 
XP5 C15 H151 sing N N 483 
XP5 C15 H152 sing N N 484 
XP5 C15 H153 sing N N 485 
XP5 C18 H181 sing N N 486 
XP5 C18 H182 sing N N 487 
XP5 C19 H191 sing N N 488 
XP5 C19 H192 sing N N 489 
XP5 C20 H201 sing N N 490 
XP5 C20 H202 sing N N 491 
XP5 C21 H211 sing N N 492 
XP5 C21 H212 sing N N 493 
XP5 C22 H221 sing N N 494 
XP5 C22 H222 sing N N 495 
XP5 C23 H231 sing N N 496 
XP5 C23 H232 sing N N 497 
XP5 C23 H233 sing N N 498 
# 
_pdbx_audit_support.funding_organization   
'National Institutes of Health/National Institute of General Medical Sciences (NIH/NIGMS)' 
_pdbx_audit_support.country                'United States' 
_pdbx_audit_support.grant_number           R01GM108998 
_pdbx_audit_support.ordinal                1 
# 
loop_
_pdbx_entity_nonpoly.entity_id 
_pdbx_entity_nonpoly.name 
_pdbx_entity_nonpoly.comp_id 
2 'ZINC ION'                                                                                                    ZN  
3 ingenol-3-angelate                                                                                            WUD 
4 '(4S,7R)-7-(heptanoyloxy)-4-hydroxy-N,N,N-trimethyl-10-oxo-3,5,9-trioxa-4-phosphahexadecan-1-aminium 4-oxide' XP5 
5 water                                                                                                         HOH 
# 
_pdbx_initial_refinement_model.id               1 
_pdbx_initial_refinement_model.entity_id_list   ? 
_pdbx_initial_refinement_model.type             'experimental model' 
_pdbx_initial_refinement_model.source_name      PDB 
_pdbx_initial_refinement_model.accession_code   1PTQ 
_pdbx_initial_refinement_model.details          ? 
# 
_pdbx_struct_assembly_auth_evidence.id                     1 
_pdbx_struct_assembly_auth_evidence.assembly_id            1 
_pdbx_struct_assembly_auth_evidence.experimental_support   'gel filtration' 
_pdbx_struct_assembly_auth_evidence.details                ? 
# 
